data_6I7E
#
_entry.id   6I7E
#
_cell.length_a   197.460
_cell.length_b   197.460
_cell.length_c   178.144
_cell.angle_alpha   90.00
_cell.angle_beta   90.00
_cell.angle_gamma   120.00
#
_symmetry.space_group_name_H-M   'P 61 2 2'
#
loop_
_entity.id
_entity.type
_entity.pdbx_description
1 polymer Myosin-A
2 non-polymer "ADENOSINE-5'-DIPHOSPHATE"
3 non-polymer 'MAGNESIUM ION'
4 non-polymer 'VANADATE ION'
#
_entity_poly.entity_id   1
_entity_poly.type   'polypeptide(L)'
_entity_poly.pdbx_seq_one_letter_code
;MAVTNEEIKTASKIVRRV(SEP)NVEAFDKSGSVFKGYQIWTDISPTIENDPNIMFVKCVVQQGSKKEKLTVVQIDPPGT
GTPYDIDPTHAWNCNSQVDPMSFGDIGLLNHTNIPCVLDFLKHRYLKNQIYTTAVPLIVAINPYKDLGNTTNEWIRRYRD
TADHTKLPPHVFTCAREALSNLHGVNKSQTIIVSGESGAGKTEATKQIMRYFASSKSGNMDLRIQTAIMAANPVLEAFGN
AKTIRNNNSSRFGRFMQLVISHEGGIRYGSVVAFLLEKSRIITQDDNERSYHIFYQFLKGANSTMKSKFGLKGVTEYKLL
NPNSTEVSGVDDVKDFEEVIESLKNMELSESDIEVIFSIVAGILTLGNVRLIEKQEAGLSDAAAIMDEDMGVFNKACELM
YLDPELIKREILIKVTVAGGTKIEGRWNKNDAEVLKSSLCKAMYEKLFLWIIRHLNSRIEPEGGFKTFMGMLDIFGFEVF
KNNSLEQLFINITNEMLQKNFVDIVFERESKLYKDEGISTAELKYTSNKEVINVLCEKGKSVLSYLEDQCLAPGGTDEKF
VSSCATNLKENNKFTPAKVASNKNFIIQHTIGPIQYCAESFLLKNKDVLRGDLVEVIKDSPNPIVQQLFEGQVIEKGKIA
KGSLIGSQFLNQLTSLMNLINSTEPHFIRCIKPNENKKPLEWCEPKILIQLHALSILEALVLRQLGYSYRRTFEEFLYQY
KFVDIAAAEDSSVENQNKCVNILKLSGLSESMYKIGKSMVFLKQEGAKILTK
;
_entity_poly.pdbx_strand_id   A
#
# COMPACT_ATOMS: atom_id res chain seq x y z
N ALA A 2 9.74 18.45 2.66
CA ALA A 2 10.38 18.56 3.99
C ALA A 2 10.78 17.19 4.58
N VAL A 3 12.00 17.10 5.12
CA VAL A 3 12.52 15.88 5.75
C VAL A 3 12.62 16.14 7.25
N THR A 4 11.84 15.41 8.06
CA THR A 4 11.87 15.57 9.52
C THR A 4 13.21 15.13 10.06
N ASN A 5 13.63 15.69 11.21
CA ASN A 5 14.90 15.31 11.86
C ASN A 5 14.79 13.86 12.37
N GLU A 6 13.54 13.38 12.43
CA GLU A 6 13.06 12.04 12.80
C GLU A 6 13.24 11.13 11.58
N GLU A 7 12.97 11.65 10.35
CA GLU A 7 13.17 10.96 9.06
C GLU A 7 14.69 10.88 8.83
N ILE A 8 15.43 11.92 9.28
CA ILE A 8 16.89 12.01 9.19
C ILE A 8 17.51 10.96 10.12
N LYS A 9 16.99 10.85 11.35
CA LYS A 9 17.41 9.87 12.35
C LYS A 9 17.18 8.47 11.80
N THR A 10 15.90 8.13 11.50
CA THR A 10 15.45 6.85 10.98
C THR A 10 16.36 6.39 9.80
N ALA A 11 16.63 7.28 8.82
CA ALA A 11 17.49 6.94 7.69
C ALA A 11 18.97 6.76 8.09
N SER A 12 19.47 7.58 9.05
CA SER A 12 20.87 7.52 9.50
C SER A 12 21.23 6.21 10.21
N LYS A 13 20.21 5.53 10.76
CA LYS A 13 20.38 4.25 11.45
C LYS A 13 20.69 3.15 10.42
N ILE A 14 19.98 3.17 9.25
CA ILE A 14 20.09 2.22 8.12
C ILE A 14 21.54 2.11 7.55
N VAL A 15 22.29 3.24 7.55
CA VAL A 15 23.68 3.36 7.09
C VAL A 15 24.55 2.22 7.65
N ARG A 16 25.00 1.30 6.76
CA ARG A 16 25.85 0.11 7.02
C ARG A 16 27.03 0.02 6.03
N ARG A 17 28.22 -0.37 6.53
CA ARG A 17 29.43 -0.49 5.72
C ARG A 17 29.94 -1.94 5.69
N VAL A 18 29.64 -2.66 4.60
CA VAL A 18 30.03 -4.06 4.47
C VAL A 18 31.45 -4.24 3.91
N ASN A 20 35.28 -3.43 2.19
CA ASN A 20 36.43 -2.59 2.51
C ASN A 20 36.99 -1.83 1.30
N VAL A 21 37.47 -0.59 1.55
CA VAL A 21 38.06 0.26 0.51
C VAL A 21 39.51 -0.14 0.18
N GLU A 22 39.67 -0.99 -0.85
CA GLU A 22 40.99 -1.41 -1.32
C GLU A 22 41.34 -0.46 -2.44
N ALA A 23 41.91 0.68 -2.00
CA ALA A 23 42.24 1.86 -2.79
C ALA A 23 43.73 2.23 -2.76
N PHE A 24 44.61 1.24 -2.63
CA PHE A 24 46.04 1.50 -2.58
C PHE A 24 46.81 0.63 -3.54
N ASP A 25 47.66 1.25 -4.39
CA ASP A 25 48.48 0.51 -5.35
C ASP A 25 49.40 -0.39 -4.53
N LYS A 26 49.42 -1.71 -4.88
CA LYS A 26 50.18 -2.79 -4.22
C LYS A 26 51.50 -2.31 -3.61
N SER A 27 52.30 -1.58 -4.41
CA SER A 27 53.58 -0.97 -4.09
C SER A 27 53.40 0.11 -2.99
N GLY A 28 52.66 1.16 -3.35
CA GLY A 28 52.35 2.33 -2.53
C GLY A 28 51.83 3.40 -3.47
N SER A 29 52.16 4.68 -3.20
CA SER A 29 51.76 5.86 -4.00
C SER A 29 50.23 6.06 -4.07
N VAL A 30 49.44 5.07 -3.53
CA VAL A 30 47.98 4.94 -3.49
C VAL A 30 47.44 4.73 -4.94
N PHE A 31 46.27 4.05 -5.07
CA PHE A 31 45.65 3.81 -6.37
C PHE A 31 45.39 5.16 -7.02
N LYS A 32 45.69 5.26 -8.31
CA LYS A 32 45.60 6.50 -9.08
C LYS A 32 44.14 6.93 -9.37
N GLY A 33 43.66 7.85 -8.54
CA GLY A 33 42.32 8.42 -8.60
C GLY A 33 41.20 7.47 -8.26
N TYR A 34 41.09 7.09 -6.96
CA TYR A 34 40.03 6.16 -6.51
C TYR A 34 38.77 6.94 -6.15
N GLN A 35 37.67 6.61 -6.84
CA GLN A 35 36.36 7.20 -6.58
C GLN A 35 35.80 6.46 -5.36
N ILE A 36 35.39 7.20 -4.32
CA ILE A 36 34.78 6.66 -3.09
C ILE A 36 33.58 7.51 -2.66
N TRP A 37 32.84 7.02 -1.67
CA TRP A 37 31.71 7.71 -1.07
C TRP A 37 32.03 7.98 0.38
N THR A 38 31.44 9.02 0.94
CA THR A 38 31.68 9.36 2.33
C THR A 38 30.49 10.04 2.99
N ASP A 39 30.30 9.79 4.29
N ASP A 39 30.28 9.80 4.29
CA ASP A 39 29.26 10.36 5.13
CA ASP A 39 29.21 10.46 5.02
C ASP A 39 29.72 11.74 5.65
C ASP A 39 29.72 11.77 5.63
N ILE A 40 31.04 12.01 5.51
CA ILE A 40 31.73 13.23 5.98
C ILE A 40 31.95 14.24 4.86
N SER A 41 31.39 15.46 5.02
CA SER A 41 31.51 16.63 4.12
C SER A 41 30.51 17.70 4.55
N PRO A 42 30.89 19.02 4.51
CA PRO A 42 29.92 20.08 4.88
C PRO A 42 28.72 20.08 3.94
N THR A 43 28.86 19.42 2.78
CA THR A 43 27.84 19.24 1.77
C THR A 43 26.74 18.25 2.22
N ILE A 44 27.01 17.43 3.27
CA ILE A 44 26.05 16.46 3.85
C ILE A 44 25.38 17.10 5.06
N GLU A 45 26.15 17.94 5.78
CA GLU A 45 25.77 18.69 6.97
C GLU A 45 24.81 19.83 6.60
N ASN A 46 25.17 20.63 5.57
CA ASN A 46 24.37 21.76 5.07
C ASN A 46 23.11 21.32 4.32
N ASP A 47 23.14 20.13 3.71
CA ASP A 47 22.00 19.64 2.96
C ASP A 47 21.35 18.39 3.55
N PRO A 48 20.02 18.43 3.75
CA PRO A 48 19.32 17.25 4.27
C PRO A 48 18.95 16.23 3.19
N ASN A 49 18.60 16.71 1.97
CA ASN A 49 18.24 15.89 0.80
C ASN A 49 19.33 14.88 0.43
N ILE A 50 20.61 15.24 0.59
CA ILE A 50 21.73 14.37 0.23
C ILE A 50 22.47 13.90 1.48
N MET A 51 22.96 12.64 1.44
CA MET A 51 23.66 11.98 2.54
C MET A 51 25.13 11.65 2.25
N PHE A 52 25.52 11.54 0.96
CA PHE A 52 26.90 11.20 0.58
C PHE A 52 27.46 12.04 -0.57
N VAL A 53 28.76 12.36 -0.47
CA VAL A 53 29.51 13.08 -1.52
C VAL A 53 30.53 12.10 -2.18
N LYS A 54 30.90 12.37 -3.46
CA LYS A 54 31.89 11.58 -4.22
C LYS A 54 33.25 12.24 -4.08
N CYS A 55 34.28 11.44 -3.82
CA CYS A 55 35.63 11.93 -3.61
C CYS A 55 36.69 11.14 -4.34
N VAL A 56 37.77 11.83 -4.73
CA VAL A 56 38.89 11.19 -5.39
C VAL A 56 40.01 11.06 -4.35
N VAL A 57 40.50 9.81 -4.16
CA VAL A 57 41.57 9.49 -3.21
C VAL A 57 42.88 10.05 -3.73
N GLN A 58 43.39 11.09 -3.03
CA GLN A 58 44.62 11.82 -3.35
C GLN A 58 45.87 10.97 -3.06
N GLN A 59 46.93 11.17 -3.87
CA GLN A 59 48.20 10.44 -3.74
C GLN A 59 48.97 10.89 -2.49
N GLY A 60 49.27 9.93 -1.61
CA GLY A 60 50.00 10.17 -0.37
C GLY A 60 49.17 10.16 0.89
N SER A 61 48.30 9.14 1.03
CA SER A 61 47.43 8.94 2.19
C SER A 61 47.61 7.52 2.66
N LYS A 62 47.41 7.26 3.97
CA LYS A 62 47.54 5.91 4.53
C LYS A 62 46.16 5.33 4.87
N LYS A 63 46.10 4.00 5.14
CA LYS A 63 44.86 3.27 5.50
C LYS A 63 44.36 3.61 6.95
N GLU A 64 44.75 4.80 7.47
CA GLU A 64 44.39 5.36 8.77
C GLU A 64 43.62 6.69 8.58
N LYS A 65 44.10 7.52 7.64
CA LYS A 65 43.51 8.80 7.24
C LYS A 65 43.77 9.01 5.74
N LEU A 66 42.68 8.96 4.96
CA LEU A 66 42.71 9.13 3.50
C LEU A 66 42.45 10.59 3.16
N THR A 67 43.41 11.24 2.46
CA THR A 67 43.28 12.60 1.97
C THR A 67 42.46 12.47 0.68
N VAL A 68 41.28 13.08 0.71
CA VAL A 68 40.30 13.03 -0.37
C VAL A 68 39.80 14.39 -0.72
N VAL A 69 39.57 14.63 -2.01
CA VAL A 69 39.03 15.89 -2.50
C VAL A 69 37.60 15.66 -3.06
N GLN A 70 36.68 16.59 -2.76
CA GLN A 70 35.30 16.48 -3.18
C GLN A 70 35.14 16.76 -4.66
N ILE A 71 34.70 15.75 -5.44
CA ILE A 71 34.49 15.90 -6.88
C ILE A 71 33.04 16.32 -7.21
N ASP A 72 32.06 15.52 -6.72
CA ASP A 72 30.62 15.71 -6.88
C ASP A 72 29.97 15.63 -5.48
N PRO A 73 29.17 16.63 -5.06
CA PRO A 73 28.85 17.90 -5.71
C PRO A 73 30.09 18.78 -5.82
N PRO A 74 30.09 19.78 -6.72
CA PRO A 74 31.27 20.64 -6.87
C PRO A 74 31.82 21.13 -5.56
N GLY A 75 32.96 20.56 -5.20
CA GLY A 75 33.65 20.88 -3.96
C GLY A 75 34.49 22.12 -4.05
N THR A 76 34.91 22.63 -2.87
CA THR A 76 35.78 23.80 -2.73
C THR A 76 37.21 23.45 -3.20
N GLY A 77 37.37 22.24 -3.78
CA GLY A 77 38.61 21.70 -4.30
C GLY A 77 39.66 21.47 -3.24
N THR A 78 39.24 21.54 -1.96
CA THR A 78 40.09 21.39 -0.78
C THR A 78 40.16 19.91 -0.38
N PRO A 79 41.38 19.31 -0.29
CA PRO A 79 41.47 17.91 0.14
C PRO A 79 41.41 17.82 1.67
N TYR A 80 40.46 17.01 2.13
CA TYR A 80 40.21 16.77 3.54
C TYR A 80 40.53 15.33 3.90
N ASP A 81 40.82 15.07 5.19
CA ASP A 81 41.20 13.75 5.67
C ASP A 81 40.13 13.08 6.52
N ILE A 82 39.71 11.87 6.07
CA ILE A 82 38.68 11.03 6.70
C ILE A 82 39.25 9.63 6.99
N ASP A 83 38.65 8.90 7.97
CA ASP A 83 39.04 7.53 8.33
C ASP A 83 38.46 6.53 7.32
N PRO A 84 39.19 5.44 6.95
CA PRO A 84 38.65 4.48 5.96
C PRO A 84 37.32 3.86 6.35
N THR A 85 37.00 3.93 7.65
CA THR A 85 35.77 3.47 8.26
C THR A 85 34.56 4.15 7.58
N HIS A 86 34.71 5.44 7.21
CA HIS A 86 33.67 6.25 6.55
C HIS A 86 33.79 6.29 5.00
N ALA A 87 34.51 5.33 4.41
CA ALA A 87 34.67 5.27 2.97
C ALA A 87 34.08 3.99 2.39
N TRP A 88 33.15 4.14 1.45
CA TRP A 88 32.47 3.03 0.76
C TRP A 88 33.08 2.87 -0.61
N ASN A 89 33.02 1.64 -1.13
CA ASN A 89 33.53 1.37 -2.48
C ASN A 89 32.56 1.95 -3.49
N CYS A 90 33.09 2.54 -4.54
CA CYS A 90 32.28 3.14 -5.57
C CYS A 90 32.31 2.29 -6.83
N ASN A 91 31.21 2.34 -7.60
CA ASN A 91 31.06 1.69 -8.90
C ASN A 91 31.70 2.57 -9.99
N SER A 92 33.00 2.85 -9.80
CA SER A 92 33.89 3.66 -10.65
C SER A 92 33.61 3.43 -12.13
N GLN A 93 33.46 4.52 -12.91
CA GLN A 93 33.24 4.54 -14.36
C GLN A 93 32.31 3.42 -14.89
N VAL A 94 31.00 3.69 -14.85
CA VAL A 94 29.93 2.81 -15.33
C VAL A 94 28.82 3.69 -15.94
N ASP A 95 27.97 3.13 -16.83
CA ASP A 95 26.86 3.88 -17.41
C ASP A 95 25.50 3.37 -16.86
N PRO A 96 24.92 3.98 -15.78
CA PRO A 96 23.66 3.48 -15.21
C PRO A 96 22.50 3.20 -16.16
N MET A 97 22.52 3.82 -17.36
CA MET A 97 21.49 3.70 -18.41
C MET A 97 21.61 2.43 -19.26
N SER A 98 22.84 1.90 -19.41
CA SER A 98 23.16 0.74 -20.25
C SER A 98 22.44 -0.55 -19.86
N PHE A 99 22.39 -0.90 -18.56
CA PHE A 99 21.73 -2.10 -18.04
C PHE A 99 20.57 -1.78 -17.08
N GLY A 100 19.46 -2.50 -17.23
CA GLY A 100 18.25 -2.29 -16.45
C GLY A 100 18.05 -3.16 -15.22
N ASP A 101 19.16 -3.60 -14.60
CA ASP A 101 19.14 -4.43 -13.38
C ASP A 101 20.31 -4.05 -12.50
N ILE A 102 20.04 -3.81 -11.21
CA ILE A 102 21.06 -3.44 -10.23
C ILE A 102 21.99 -4.63 -9.93
N GLY A 103 21.55 -5.86 -10.19
CA GLY A 103 22.32 -7.07 -9.99
C GLY A 103 23.69 -7.11 -10.65
N LEU A 104 23.84 -6.45 -11.83
CA LEU A 104 25.11 -6.37 -12.59
C LEU A 104 26.19 -5.52 -11.87
N LEU A 105 25.78 -4.59 -10.98
CA LEU A 105 26.70 -3.75 -10.19
C LEU A 105 27.64 -4.66 -9.40
N ASN A 106 28.92 -4.28 -9.38
CA ASN A 106 30.00 -4.96 -8.67
C ASN A 106 29.76 -4.82 -7.15
N HIS A 107 29.70 -3.57 -6.66
CA HIS A 107 29.38 -3.26 -5.27
C HIS A 107 27.92 -2.79 -5.23
N THR A 108 27.17 -3.21 -4.22
CA THR A 108 25.78 -2.77 -4.13
C THR A 108 25.52 -2.22 -2.72
N ASN A 109 26.39 -1.28 -2.30
CA ASN A 109 26.31 -0.57 -1.02
C ASN A 109 25.33 0.58 -1.13
N ILE A 110 24.78 1.02 0.03
CA ILE A 110 23.82 2.10 0.14
C ILE A 110 24.18 3.28 -0.81
N PRO A 111 25.37 3.94 -0.73
CA PRO A 111 25.67 5.02 -1.68
C PRO A 111 25.58 4.66 -3.18
N CYS A 112 26.01 3.44 -3.54
CA CYS A 112 26.03 2.95 -4.91
C CYS A 112 24.66 2.68 -5.50
N VAL A 113 23.67 2.27 -4.67
CA VAL A 113 22.32 2.01 -5.18
C VAL A 113 21.60 3.34 -5.33
N LEU A 114 21.92 4.31 -4.45
CA LEU A 114 21.37 5.67 -4.43
C LEU A 114 21.78 6.39 -5.70
N ASP A 115 23.11 6.42 -5.99
CA ASP A 115 23.67 7.02 -7.21
C ASP A 115 23.15 6.33 -8.50
N PHE A 116 22.98 4.98 -8.45
CA PHE A 116 22.50 4.19 -9.59
C PHE A 116 21.05 4.51 -9.92
N LEU A 117 20.18 4.52 -8.90
CA LEU A 117 18.77 4.80 -9.12
C LEU A 117 18.51 6.28 -9.47
N LYS A 118 19.34 7.18 -8.89
CA LYS A 118 19.38 8.65 -9.10
C LYS A 118 19.75 8.98 -10.58
N HIS A 119 20.94 8.49 -11.06
CA HIS A 119 21.46 8.69 -12.44
C HIS A 119 20.52 8.14 -13.51
N ARG A 120 19.43 7.47 -13.07
CA ARG A 120 18.38 6.89 -13.90
C ARG A 120 17.13 7.73 -13.76
N TYR A 121 16.68 8.00 -12.53
CA TYR A 121 15.48 8.78 -12.23
C TYR A 121 15.51 10.15 -12.90
N LEU A 122 16.62 10.87 -12.71
CA LEU A 122 16.81 12.22 -13.26
C LEU A 122 17.02 12.15 -14.76
N LYS A 123 17.36 10.95 -15.27
CA LYS A 123 17.52 10.70 -16.71
C LYS A 123 16.18 10.28 -17.34
N ASN A 124 15.15 10.03 -16.47
CA ASN A 124 13.72 9.71 -16.70
C ASN A 124 13.43 8.19 -16.92
N GLN A 125 14.35 7.32 -16.44
CA GLN A 125 14.17 5.88 -16.41
C GLN A 125 13.93 5.58 -14.94
N ILE A 126 12.66 5.36 -14.57
CA ILE A 126 12.27 5.14 -13.18
C ILE A 126 12.39 3.66 -12.74
N TYR A 127 11.83 2.74 -13.54
CA TYR A 127 11.83 1.29 -13.29
C TYR A 127 13.20 0.61 -13.49
N THR A 128 13.62 -0.25 -12.53
CA THR A 128 14.87 -1.04 -12.51
C THR A 128 14.57 -2.40 -11.85
N THR A 129 15.30 -3.47 -12.22
CA THR A 129 15.06 -4.77 -11.58
C THR A 129 16.01 -4.96 -10.41
N ALA A 130 15.45 -5.29 -9.25
CA ALA A 130 16.15 -5.56 -7.98
C ALA A 130 16.35 -7.05 -7.85
N VAL A 131 15.65 -7.82 -8.73
CA VAL A 131 15.62 -9.28 -8.88
C VAL A 131 15.27 -9.98 -7.52
N PRO A 132 14.01 -10.46 -7.34
CA PRO A 132 12.88 -10.48 -8.30
C PRO A 132 12.21 -9.14 -8.58
N LEU A 133 12.02 -8.34 -7.51
CA LEU A 133 11.40 -7.02 -7.40
C LEU A 133 11.71 -6.07 -8.55
N ILE A 134 10.75 -5.17 -8.88
CA ILE A 134 10.87 -4.14 -9.90
C ILE A 134 10.69 -2.80 -9.17
N VAL A 135 11.79 -2.01 -9.03
CA VAL A 135 11.77 -0.71 -8.35
C VAL A 135 11.29 0.38 -9.31
N ALA A 136 10.09 0.92 -9.04
CA ALA A 136 9.40 1.93 -9.83
C ALA A 136 9.22 3.26 -9.07
N ILE A 137 10.17 4.18 -9.25
CA ILE A 137 10.16 5.50 -8.60
C ILE A 137 9.02 6.39 -9.20
N ASN A 138 8.54 7.40 -8.44
CA ASN A 138 7.46 8.32 -8.85
C ASN A 138 8.03 9.63 -9.45
N PRO A 139 7.93 9.84 -10.78
CA PRO A 139 8.50 11.06 -11.37
C PRO A 139 7.54 12.23 -11.36
N TYR A 140 6.31 11.99 -10.86
CA TYR A 140 5.17 12.92 -10.71
C TYR A 140 4.58 13.45 -12.04
N LYS A 141 5.35 13.40 -13.15
CA LYS A 141 4.93 13.82 -14.48
C LYS A 141 4.68 12.62 -15.38
N ASP A 142 3.73 12.74 -16.34
CA ASP A 142 3.46 11.66 -17.29
C ASP A 142 4.70 11.47 -18.14
N LEU A 143 5.23 10.25 -18.10
CA LEU A 143 6.44 9.93 -18.84
C LEU A 143 6.14 9.54 -20.26
N GLY A 144 4.95 8.99 -20.48
CA GLY A 144 4.49 8.54 -21.79
C GLY A 144 4.99 7.16 -22.16
N ASN A 145 5.66 6.49 -21.20
CA ASN A 145 6.21 5.14 -21.33
C ASN A 145 5.17 4.12 -20.86
N THR A 146 3.91 4.52 -20.90
CA THR A 146 2.75 3.76 -20.45
C THR A 146 1.78 3.51 -21.59
N THR A 147 1.81 4.38 -22.63
CA THR A 147 0.96 4.40 -23.84
C THR A 147 0.75 3.02 -24.51
N ASN A 148 -0.34 2.88 -25.29
CA ASN A 148 -0.66 1.66 -26.04
C ASN A 148 0.54 1.24 -26.87
N GLU A 149 1.26 2.24 -27.42
CA GLU A 149 2.49 2.04 -28.19
C GLU A 149 3.54 1.32 -27.34
N TRP A 150 3.71 1.77 -26.08
CA TRP A 150 4.65 1.18 -25.13
C TRP A 150 4.16 -0.18 -24.64
N ILE A 151 2.82 -0.38 -24.64
CA ILE A 151 2.18 -1.64 -24.24
C ILE A 151 2.52 -2.70 -25.31
N ARG A 152 2.10 -2.45 -26.58
CA ARG A 152 2.34 -3.31 -27.75
C ARG A 152 3.78 -3.81 -27.70
N ARG A 153 4.72 -2.84 -27.67
CA ARG A 153 6.18 -2.95 -27.59
C ARG A 153 6.67 -3.98 -26.57
N TYR A 154 5.87 -4.26 -25.53
CA TYR A 154 6.21 -5.21 -24.48
C TYR A 154 5.66 -6.60 -24.71
N ARG A 155 4.36 -6.65 -25.03
CA ARG A 155 3.57 -7.84 -25.27
C ARG A 155 4.01 -8.58 -26.53
N ASP A 156 4.12 -7.82 -27.63
CA ASP A 156 4.44 -8.34 -28.96
C ASP A 156 5.95 -8.61 -29.21
N THR A 157 6.87 -7.83 -28.60
CA THR A 157 8.32 -8.05 -28.75
C THR A 157 8.64 -9.45 -28.21
N ALA A 158 9.18 -10.29 -29.11
CA ALA A 158 9.51 -11.70 -28.90
C ALA A 158 10.56 -11.99 -27.81
N ASP A 159 11.72 -11.33 -27.86
CA ASP A 159 12.77 -11.59 -26.87
C ASP A 159 12.51 -10.84 -25.57
N HIS A 160 12.57 -11.57 -24.45
CA HIS A 160 12.32 -11.08 -23.09
C HIS A 160 13.48 -10.27 -22.49
N THR A 161 14.73 -10.52 -22.93
CA THR A 161 15.94 -9.82 -22.47
C THR A 161 16.07 -8.44 -23.10
N LYS A 162 15.63 -8.30 -24.38
CA LYS A 162 15.63 -7.06 -25.18
C LYS A 162 14.75 -6.01 -24.49
N LEU A 163 13.68 -6.48 -23.82
CA LEU A 163 12.70 -5.68 -23.09
C LEU A 163 13.31 -5.01 -21.84
N PRO A 164 13.30 -3.67 -21.82
CA PRO A 164 13.86 -2.93 -20.67
C PRO A 164 13.04 -3.10 -19.37
N PRO A 165 13.56 -2.75 -18.15
CA PRO A 165 12.73 -2.91 -16.92
C PRO A 165 11.49 -2.02 -16.95
N HIS A 166 10.34 -2.57 -16.49
CA HIS A 166 9.05 -1.87 -16.53
C HIS A 166 7.98 -2.49 -15.65
N VAL A 167 6.80 -1.83 -15.59
CA VAL A 167 5.63 -2.36 -14.90
C VAL A 167 5.10 -3.44 -15.81
N PHE A 168 5.07 -3.16 -17.13
CA PHE A 168 4.63 -4.10 -18.14
C PHE A 168 5.53 -5.33 -18.17
N THR A 169 6.79 -5.21 -17.71
CA THR A 169 7.76 -6.31 -17.60
C THR A 169 7.21 -7.37 -16.64
N CYS A 170 6.72 -6.93 -15.47
CA CYS A 170 6.15 -7.81 -14.46
C CYS A 170 4.70 -8.24 -14.76
N ALA A 171 4.10 -7.67 -15.82
CA ALA A 171 2.73 -7.95 -16.26
C ALA A 171 2.74 -9.14 -17.23
N ARG A 172 3.72 -9.17 -18.17
CA ARG A 172 3.89 -10.25 -19.13
C ARG A 172 4.53 -11.42 -18.40
N GLU A 173 5.60 -11.15 -17.59
CA GLU A 173 6.32 -12.12 -16.75
C GLU A 173 5.29 -13.04 -16.05
N ALA A 174 4.23 -12.42 -15.45
CA ALA A 174 3.13 -13.06 -14.70
C ALA A 174 2.05 -13.69 -15.58
N LEU A 175 1.69 -13.03 -16.71
CA LEU A 175 0.68 -13.50 -17.65
C LEU A 175 1.14 -14.76 -18.39
N SER A 176 2.45 -14.85 -18.72
CA SER A 176 3.08 -15.99 -19.40
C SER A 176 3.04 -17.24 -18.53
N ASN A 177 3.47 -17.12 -17.26
CA ASN A 177 3.48 -18.23 -16.30
C ASN A 177 2.07 -18.72 -16.05
N LEU A 178 1.12 -17.79 -15.87
CA LEU A 178 -0.29 -18.10 -15.65
C LEU A 178 -0.89 -19.00 -16.73
N HIS A 179 -0.60 -18.70 -18.02
CA HIS A 179 -1.12 -19.49 -19.14
C HIS A 179 -0.30 -20.76 -19.41
N GLY A 180 1.02 -20.64 -19.28
CA GLY A 180 1.97 -21.73 -19.53
C GLY A 180 1.92 -22.86 -18.52
N VAL A 181 2.34 -22.57 -17.27
CA VAL A 181 2.36 -23.57 -16.20
C VAL A 181 0.95 -23.75 -15.54
N ASN A 182 -0.06 -23.01 -16.05
CA ASN A 182 -1.45 -22.97 -15.55
C ASN A 182 -1.51 -22.95 -14.02
N LYS A 183 -0.86 -21.92 -13.45
CA LYS A 183 -0.81 -21.63 -12.03
C LYS A 183 -1.26 -20.16 -11.85
N SER A 184 -2.19 -19.92 -10.91
CA SER A 184 -2.73 -18.59 -10.60
C SER A 184 -1.64 -17.71 -9.96
N GLN A 185 -1.36 -16.54 -10.59
CA GLN A 185 -0.33 -15.58 -10.19
C GLN A 185 -0.95 -14.27 -9.65
N THR A 186 -0.22 -13.57 -8.74
CA THR A 186 -0.66 -12.32 -8.08
C THR A 186 0.45 -11.23 -8.10
N ILE A 187 0.03 -9.99 -8.41
CA ILE A 187 0.86 -8.79 -8.49
C ILE A 187 0.68 -7.97 -7.19
N ILE A 188 1.78 -7.88 -6.42
CA ILE A 188 1.87 -7.13 -5.17
C ILE A 188 2.41 -5.72 -5.49
N VAL A 189 1.65 -4.70 -5.09
CA VAL A 189 2.06 -3.31 -5.30
C VAL A 189 2.34 -2.75 -3.90
N SER A 190 3.61 -2.35 -3.66
CA SER A 190 4.14 -1.89 -2.37
C SER A 190 4.85 -0.51 -2.40
N GLY A 191 4.90 0.18 -1.26
CA GLY A 191 5.51 1.51 -1.09
C GLY A 191 4.74 2.43 -0.16
N GLU A 192 5.10 3.73 -0.14
CA GLU A 192 4.43 4.76 0.70
C GLU A 192 3.06 5.08 0.12
N SER A 193 2.22 5.79 0.91
CA SER A 193 0.89 6.24 0.45
C SER A 193 1.13 7.42 -0.49
N GLY A 194 1.25 7.11 -1.77
CA GLY A 194 1.53 8.10 -2.81
C GLY A 194 2.76 7.80 -3.62
N ALA A 195 3.39 6.63 -3.39
CA ALA A 195 4.60 6.20 -4.09
C ALA A 195 4.38 5.72 -5.54
N GLY A 196 3.17 5.24 -5.86
CA GLY A 196 2.84 4.77 -7.21
C GLY A 196 1.93 3.57 -7.35
N LYS A 197 1.45 2.98 -6.20
CA LYS A 197 0.58 1.80 -6.16
C LYS A 197 -0.59 1.86 -7.14
N THR A 198 -1.51 2.83 -6.95
CA THR A 198 -2.69 3.06 -7.81
C THR A 198 -2.28 3.19 -9.29
N GLU A 199 -1.22 4.00 -9.59
CA GLU A 199 -0.75 4.25 -10.93
C GLU A 199 -0.25 3.00 -11.65
N ALA A 200 0.65 2.25 -11.01
CA ALA A 200 1.17 0.99 -11.55
C ALA A 200 -0.01 0.02 -11.79
N THR A 201 -0.92 -0.13 -10.78
CA THR A 201 -2.14 -0.97 -10.81
C THR A 201 -3.04 -0.59 -12.00
N LYS A 202 -3.16 0.72 -12.27
CA LYS A 202 -3.93 1.23 -13.39
C LYS A 202 -3.22 0.84 -14.70
N GLN A 203 -1.88 1.04 -14.77
CA GLN A 203 -1.04 0.73 -15.94
C GLN A 203 -1.09 -0.76 -16.31
N ILE A 204 -0.76 -1.66 -15.36
CA ILE A 204 -0.78 -3.12 -15.54
C ILE A 204 -2.21 -3.61 -15.92
N MET A 205 -3.28 -2.93 -15.46
CA MET A 205 -4.65 -3.26 -15.83
C MET A 205 -4.88 -2.94 -17.30
N ARG A 206 -4.46 -1.73 -17.73
CA ARG A 206 -4.55 -1.23 -19.11
C ARG A 206 -3.81 -2.18 -20.06
N TYR A 207 -2.72 -2.80 -19.57
CA TYR A 207 -1.87 -3.74 -20.29
C TYR A 207 -2.61 -5.04 -20.57
N PHE A 208 -3.34 -5.55 -19.57
CA PHE A 208 -4.13 -6.78 -19.73
C PHE A 208 -5.43 -6.50 -20.51
N ALA A 209 -5.76 -5.20 -20.74
CA ALA A 209 -6.93 -4.72 -21.50
C ALA A 209 -6.60 -4.37 -22.96
N SER A 210 -5.33 -4.64 -23.36
CA SER A 210 -4.77 -4.41 -24.69
C SER A 210 -4.86 -5.71 -25.49
N SER A 211 -5.85 -5.78 -26.42
CA SER A 211 -6.15 -6.97 -27.23
C SER A 211 -5.52 -7.01 -28.63
N LYS A 212 -4.97 -8.20 -28.94
CA LYS A 212 -4.32 -8.58 -30.20
C LYS A 212 -5.42 -8.98 -31.16
N SER A 213 -6.41 -9.70 -30.64
CA SER A 213 -7.56 -10.20 -31.37
C SER A 213 -8.78 -9.30 -31.18
N GLY A 214 -9.56 -9.16 -32.25
CA GLY A 214 -10.79 -8.37 -32.27
C GLY A 214 -12.01 -9.25 -32.30
N ASN A 215 -12.11 -10.18 -31.34
CA ASN A 215 -13.21 -11.13 -31.23
C ASN A 215 -13.97 -11.03 -29.89
N MET A 216 -13.23 -10.95 -28.76
CA MET A 216 -13.74 -10.93 -27.38
C MET A 216 -14.85 -9.93 -27.12
N ASP A 217 -15.76 -10.32 -26.22
CA ASP A 217 -16.90 -9.50 -25.83
C ASP A 217 -16.44 -8.34 -24.98
N LEU A 218 -16.88 -7.14 -25.38
CA LEU A 218 -16.62 -5.85 -24.75
C LEU A 218 -17.08 -5.90 -23.29
N ARG A 219 -18.39 -6.13 -23.09
CA ARG A 219 -19.17 -6.21 -21.86
C ARG A 219 -18.33 -6.35 -20.56
N ILE A 220 -17.61 -7.46 -20.42
CA ILE A 220 -16.82 -7.75 -19.23
C ILE A 220 -15.64 -6.77 -19.07
N GLN A 221 -14.75 -6.68 -20.10
CA GLN A 221 -13.59 -5.78 -20.09
C GLN A 221 -14.02 -4.31 -19.92
N THR A 222 -15.00 -3.86 -20.74
CA THR A 222 -15.57 -2.52 -20.74
C THR A 222 -15.94 -2.06 -19.33
N ALA A 223 -16.72 -2.88 -18.60
CA ALA A 223 -17.18 -2.57 -17.25
C ALA A 223 -16.06 -2.50 -16.24
N ILE A 224 -15.10 -3.45 -16.32
CA ILE A 224 -13.97 -3.54 -15.40
C ILE A 224 -13.06 -2.31 -15.47
N MET A 225 -12.76 -1.83 -16.68
CA MET A 225 -11.89 -0.67 -16.82
C MET A 225 -12.59 0.63 -16.41
N ALA A 226 -13.89 0.75 -16.76
CA ALA A 226 -14.73 1.90 -16.41
C ALA A 226 -15.14 1.90 -14.92
N ALA A 227 -14.66 0.91 -14.15
CA ALA A 227 -14.90 0.83 -12.72
C ALA A 227 -13.91 1.70 -11.98
N ASN A 228 -12.60 1.63 -12.37
CA ASN A 228 -11.49 2.39 -11.81
C ASN A 228 -11.80 3.87 -11.59
N PRO A 229 -12.41 4.64 -12.54
CA PRO A 229 -12.73 6.05 -12.26
C PRO A 229 -13.83 6.28 -11.21
N VAL A 230 -14.83 5.37 -11.18
CA VAL A 230 -15.95 5.41 -10.23
C VAL A 230 -15.44 5.00 -8.84
N LEU A 231 -14.66 3.92 -8.78
CA LEU A 231 -14.04 3.42 -7.55
C LEU A 231 -13.20 4.46 -6.85
N GLU A 232 -12.53 5.34 -7.63
CA GLU A 232 -11.69 6.41 -7.08
C GLU A 232 -12.55 7.57 -6.58
N ALA A 233 -13.66 7.90 -7.30
CA ALA A 233 -14.56 8.98 -6.92
C ALA A 233 -15.06 8.75 -5.51
N PHE A 234 -15.49 7.52 -5.26
CA PHE A 234 -16.01 7.10 -3.98
C PHE A 234 -14.98 6.57 -3.02
N GLY A 235 -13.81 6.16 -3.51
CA GLY A 235 -12.78 5.55 -2.66
C GLY A 235 -11.46 6.26 -2.45
N ASN A 236 -11.23 7.37 -3.14
CA ASN A 236 -10.00 8.17 -3.02
C ASN A 236 -10.31 9.61 -2.55
N ALA A 237 -9.35 10.24 -1.83
CA ALA A 237 -9.49 11.60 -1.34
C ALA A 237 -8.14 12.33 -1.33
N LYS A 238 -8.18 13.67 -1.29
CA LYS A 238 -6.97 14.50 -1.22
C LYS A 238 -6.37 14.44 0.21
N THR A 239 -5.05 14.12 0.33
CA THR A 239 -4.33 14.12 1.62
C THR A 239 -3.14 15.06 1.56
N ILE A 240 -2.56 15.33 2.73
CA ILE A 240 -1.38 16.18 2.84
C ILE A 240 -0.20 15.47 2.16
N ARG A 241 -0.21 14.13 2.19
CA ARG A 241 0.80 13.26 1.58
C ARG A 241 0.61 13.06 0.07
N ASN A 242 -0.66 13.01 -0.42
CA ASN A 242 -1.03 12.83 -1.84
C ASN A 242 -2.52 13.21 -2.11
N ASN A 243 -2.77 13.94 -3.21
CA ASN A 243 -4.08 14.48 -3.66
C ASN A 243 -5.08 13.45 -4.28
N ASN A 244 -4.80 12.13 -4.16
CA ASN A 244 -5.60 10.99 -4.65
C ASN A 244 -5.17 9.73 -3.87
N SER A 245 -5.49 9.72 -2.58
CA SER A 245 -5.12 8.61 -1.73
C SER A 245 -6.27 7.65 -1.58
N SER A 246 -5.99 6.38 -1.90
CA SER A 246 -6.91 5.25 -1.80
C SER A 246 -7.22 4.93 -0.31
N ARG A 247 -8.44 5.31 0.13
CA ARG A 247 -8.96 5.10 1.48
C ARG A 247 -9.70 3.73 1.59
N PHE A 248 -9.30 2.77 0.72
CA PHE A 248 -9.77 1.39 0.63
C PHE A 248 -8.64 0.53 0.02
N GLY A 249 -8.56 -0.72 0.47
CA GLY A 249 -7.61 -1.68 -0.05
C GLY A 249 -8.30 -2.37 -1.20
N ARG A 250 -7.68 -2.34 -2.39
CA ARG A 250 -8.24 -2.94 -3.61
C ARG A 250 -7.62 -4.31 -3.95
N PHE A 251 -8.49 -5.30 -4.21
CA PHE A 251 -8.05 -6.63 -4.62
C PHE A 251 -8.84 -7.13 -5.83
N MET A 252 -8.11 -7.72 -6.80
CA MET A 252 -8.68 -8.24 -8.03
C MET A 252 -8.30 -9.65 -8.31
N GLN A 253 -9.25 -10.40 -8.89
CA GLN A 253 -9.10 -11.77 -9.39
C GLN A 253 -9.52 -11.64 -10.88
N LEU A 254 -8.59 -11.90 -11.83
CA LEU A 254 -8.89 -11.69 -13.25
C LEU A 254 -8.59 -12.86 -14.19
N VAL A 255 -9.60 -13.23 -14.98
CA VAL A 255 -9.50 -14.23 -16.03
C VAL A 255 -9.30 -13.43 -17.33
N ILE A 256 -8.06 -13.48 -17.84
CA ILE A 256 -7.53 -12.79 -19.01
C ILE A 256 -7.02 -13.83 -20.01
N SER A 257 -7.65 -13.92 -21.20
CA SER A 257 -7.20 -14.86 -22.23
C SER A 257 -6.00 -14.24 -22.95
N HIS A 258 -4.91 -15.03 -23.01
CA HIS A 258 -3.59 -14.86 -23.64
C HIS A 258 -3.44 -13.63 -24.58
N GLU A 259 -4.40 -13.42 -25.53
CA GLU A 259 -4.44 -12.30 -26.48
C GLU A 259 -4.91 -10.98 -25.82
N GLY A 260 -4.35 -10.71 -24.64
CA GLY A 260 -4.61 -9.53 -23.83
C GLY A 260 -6.05 -9.08 -23.70
N GLY A 261 -6.94 -10.01 -23.36
CA GLY A 261 -8.36 -9.68 -23.18
C GLY A 261 -8.94 -10.16 -21.86
N ILE A 262 -9.62 -9.26 -21.11
CA ILE A 262 -10.23 -9.66 -19.83
C ILE A 262 -11.57 -10.32 -20.09
N ARG A 263 -11.59 -11.65 -19.87
CA ARG A 263 -12.76 -12.48 -20.02
C ARG A 263 -13.64 -12.32 -18.80
N TYR A 264 -13.06 -12.43 -17.57
CA TYR A 264 -13.78 -12.31 -16.29
C TYR A 264 -12.95 -11.63 -15.19
N GLY A 265 -13.63 -11.18 -14.12
CA GLY A 265 -12.99 -10.50 -13.00
C GLY A 265 -13.79 -10.43 -11.72
N SER A 266 -13.09 -10.10 -10.61
CA SER A 266 -13.63 -9.90 -9.26
C SER A 266 -13.00 -8.67 -8.65
N VAL A 267 -13.85 -7.78 -8.11
CA VAL A 267 -13.43 -6.54 -7.47
C VAL A 267 -13.85 -6.53 -6.00
N VAL A 268 -12.84 -6.50 -5.14
CA VAL A 268 -13.06 -6.50 -3.71
C VAL A 268 -12.29 -5.39 -3.06
N ALA A 269 -13.04 -4.46 -2.48
CA ALA A 269 -12.50 -3.33 -1.74
C ALA A 269 -12.70 -3.65 -0.27
N PHE A 270 -11.78 -3.20 0.58
CA PHE A 270 -11.89 -3.47 2.00
C PHE A 270 -11.49 -2.26 2.82
N LEU A 271 -12.08 -2.15 4.02
CA LEU A 271 -11.80 -1.11 5.01
C LEU A 271 -11.90 0.30 4.45
N LEU A 272 -13.13 0.78 4.26
CA LEU A 272 -13.33 2.14 3.83
C LEU A 272 -13.14 3.07 5.05
N GLU A 273 -12.66 4.29 4.80
CA GLU A 273 -12.42 5.29 5.83
C GLU A 273 -13.72 6.07 6.00
N LYS A 274 -14.58 5.69 6.96
CA LYS A 274 -15.88 6.36 7.18
C LYS A 274 -15.70 7.78 7.80
N SER A 275 -14.59 7.94 8.58
CA SER A 275 -14.18 9.19 9.26
C SER A 275 -13.77 10.28 8.25
N ARG A 276 -13.90 9.99 6.96
CA ARG A 276 -13.57 10.88 5.87
C ARG A 276 -14.84 11.69 5.60
N ILE A 277 -15.96 10.98 5.42
CA ILE A 277 -17.28 11.54 5.11
C ILE A 277 -17.75 12.58 6.12
N ILE A 278 -17.55 12.31 7.44
CA ILE A 278 -17.95 13.14 8.60
C ILE A 278 -17.08 14.38 8.79
N THR A 279 -15.76 14.18 8.80
CA THR A 279 -14.76 15.24 9.00
C THR A 279 -13.48 15.03 8.15
N GLN A 280 -12.74 16.13 7.93
CA GLN A 280 -11.49 16.12 7.17
C GLN A 280 -10.49 17.01 7.85
N ASP A 281 -9.21 16.58 7.91
CA ASP A 281 -8.10 17.39 8.44
C ASP A 281 -8.01 18.67 7.56
N ASP A 282 -7.39 19.76 8.04
CA ASP A 282 -7.27 20.91 7.15
C ASP A 282 -6.14 20.67 6.17
N ASN A 283 -6.28 21.20 4.94
CA ASN A 283 -5.42 20.98 3.77
C ASN A 283 -5.86 19.67 3.11
N GLU A 284 -6.43 18.73 3.90
CA GLU A 284 -6.99 17.44 3.48
C GLU A 284 -8.45 17.63 3.02
N ARG A 285 -9.02 16.60 2.38
CA ARG A 285 -10.36 16.68 1.81
C ARG A 285 -11.16 15.38 1.96
N SER A 286 -12.45 15.41 1.56
CA SER A 286 -13.32 14.24 1.56
C SER A 286 -13.15 13.51 0.21
N TYR A 287 -13.95 12.45 0.01
CA TYR A 287 -13.95 11.66 -1.22
C TYR A 287 -14.35 12.50 -2.42
N HIS A 288 -13.51 12.49 -3.46
CA HIS A 288 -13.66 13.20 -4.72
C HIS A 288 -15.11 13.39 -5.19
N ILE A 289 -15.90 12.28 -5.21
CA ILE A 289 -17.28 12.20 -5.67
C ILE A 289 -18.13 13.40 -5.26
N PHE A 290 -18.11 13.78 -3.97
CA PHE A 290 -18.90 14.89 -3.44
C PHE A 290 -18.68 16.17 -4.22
N TYR A 291 -17.39 16.52 -4.36
CA TYR A 291 -16.88 17.71 -5.03
C TYR A 291 -17.26 17.70 -6.50
N GLN A 292 -16.92 16.60 -7.20
CA GLN A 292 -17.24 16.35 -8.60
C GLN A 292 -18.75 16.58 -8.81
N PHE A 293 -19.59 15.93 -7.96
CA PHE A 293 -21.04 16.03 -7.98
C PHE A 293 -21.51 17.47 -7.81
N LEU A 294 -21.26 18.05 -6.62
CA LEU A 294 -21.67 19.41 -6.25
C LEU A 294 -21.35 20.49 -7.29
N LYS A 295 -20.32 20.23 -8.12
CA LYS A 295 -19.83 21.16 -9.13
C LYS A 295 -20.47 20.99 -10.53
N GLY A 296 -20.29 19.79 -11.08
CA GLY A 296 -20.78 19.44 -12.41
C GLY A 296 -22.18 18.89 -12.45
N ALA A 297 -22.98 19.11 -11.39
CA ALA A 297 -24.37 18.66 -11.36
C ALA A 297 -25.19 19.58 -12.27
N ASN A 298 -26.06 18.99 -13.11
CA ASN A 298 -26.91 19.73 -14.04
C ASN A 298 -28.02 20.47 -13.32
N SER A 299 -28.34 21.67 -13.81
CA SER A 299 -29.39 22.59 -13.35
C SER A 299 -30.54 21.90 -12.60
N THR A 300 -31.09 20.84 -13.21
CA THR A 300 -32.21 20.05 -12.71
C THR A 300 -31.79 19.24 -11.48
N MET A 301 -30.73 18.39 -11.57
CA MET A 301 -30.21 17.62 -10.42
C MET A 301 -30.12 18.56 -9.22
N LYS A 302 -29.38 19.67 -9.41
CA LYS A 302 -29.16 20.74 -8.44
C LYS A 302 -30.48 21.13 -7.77
N SER A 303 -31.51 21.51 -8.56
CA SER A 303 -32.82 21.91 -8.03
C SER A 303 -33.63 20.78 -7.39
N LYS A 304 -33.66 19.60 -8.06
CA LYS A 304 -34.37 18.40 -7.62
C LYS A 304 -33.89 18.00 -6.23
N PHE A 305 -32.58 17.72 -6.12
CA PHE A 305 -31.93 17.33 -4.87
C PHE A 305 -31.86 18.47 -3.86
N GLY A 306 -31.81 19.71 -4.35
CA GLY A 306 -31.69 20.90 -3.51
C GLY A 306 -30.24 21.00 -3.09
N LEU A 307 -29.35 21.05 -4.07
CA LEU A 307 -27.92 21.12 -3.84
C LEU A 307 -27.45 22.55 -3.60
N LYS A 308 -26.41 22.67 -2.78
CA LYS A 308 -25.77 23.92 -2.42
C LYS A 308 -24.30 23.84 -2.85
N GLY A 309 -23.49 24.81 -2.43
CA GLY A 309 -22.08 24.88 -2.77
C GLY A 309 -21.23 23.93 -1.95
N VAL A 310 -20.01 23.65 -2.43
CA VAL A 310 -19.04 22.78 -1.74
C VAL A 310 -18.69 23.32 -0.34
N THR A 311 -18.86 24.64 -0.18
CA THR A 311 -18.61 25.38 1.05
C THR A 311 -19.81 25.27 2.02
N GLU A 312 -21.03 25.21 1.45
CA GLU A 312 -22.32 25.17 2.15
C GLU A 312 -22.66 23.82 2.84
N TYR A 313 -21.86 22.76 2.59
CA TYR A 313 -22.04 21.45 3.24
C TYR A 313 -21.06 21.34 4.37
N LYS A 314 -21.59 21.06 5.57
CA LYS A 314 -20.81 21.03 6.79
C LYS A 314 -19.93 19.81 6.91
N LEU A 315 -20.29 18.71 6.24
CA LEU A 315 -19.46 17.50 6.25
C LEU A 315 -18.17 17.74 5.47
N LEU A 316 -18.20 18.61 4.44
CA LEU A 316 -17.07 18.96 3.56
C LEU A 316 -16.37 20.27 3.98
N ASN A 317 -15.05 20.18 4.29
CA ASN A 317 -14.17 21.30 4.71
C ASN A 317 -14.25 22.42 3.67
N PRO A 318 -14.77 23.61 4.05
CA PRO A 318 -14.97 24.69 3.06
C PRO A 318 -13.71 25.40 2.59
N ASN A 319 -12.56 25.12 3.23
CA ASN A 319 -11.25 25.70 2.89
C ASN A 319 -10.54 24.88 1.80
N SER A 320 -10.42 23.57 2.03
CA SER A 320 -9.81 22.59 1.12
C SER A 320 -10.92 21.94 0.29
N THR A 321 -11.30 22.62 -0.79
CA THR A 321 -12.36 22.22 -1.71
C THR A 321 -11.81 22.10 -3.10
N GLU A 322 -10.82 22.93 -3.42
CA GLU A 322 -10.23 22.89 -4.73
C GLU A 322 -8.86 22.26 -4.63
N VAL A 323 -8.64 21.22 -5.46
CA VAL A 323 -7.38 20.47 -5.47
C VAL A 323 -6.43 21.01 -6.52
N SER A 324 -5.19 21.25 -6.09
CA SER A 324 -4.07 21.77 -6.87
C SER A 324 -3.81 20.87 -8.09
N GLY A 325 -4.22 21.35 -9.25
CA GLY A 325 -4.08 20.61 -10.49
C GLY A 325 -5.14 19.57 -10.72
N VAL A 326 -6.31 19.70 -10.05
CA VAL A 326 -7.46 18.79 -10.21
C VAL A 326 -8.71 19.58 -10.61
N ASP A 327 -9.32 19.18 -11.74
CA ASP A 327 -10.53 19.72 -12.33
C ASP A 327 -11.67 18.74 -12.05
N ASP A 328 -12.36 18.95 -10.91
CA ASP A 328 -13.45 18.11 -10.40
C ASP A 328 -14.61 17.95 -11.39
N VAL A 329 -14.98 19.01 -12.15
CA VAL A 329 -16.09 18.90 -13.11
C VAL A 329 -15.77 17.94 -14.23
N LYS A 330 -14.53 18.00 -14.74
CA LYS A 330 -14.03 17.15 -15.82
C LYS A 330 -14.04 15.70 -15.39
N ASP A 331 -13.55 15.43 -14.17
CA ASP A 331 -13.47 14.08 -13.61
C ASP A 331 -14.87 13.54 -13.36
N PHE A 332 -15.84 14.41 -12.99
CA PHE A 332 -17.24 14.06 -12.73
C PHE A 332 -17.88 13.53 -14.00
N GLU A 333 -17.68 14.28 -15.10
CA GLU A 333 -18.17 13.98 -16.43
C GLU A 333 -17.71 12.57 -16.78
N GLU A 334 -16.39 12.30 -16.60
CA GLU A 334 -15.73 11.01 -16.82
C GLU A 334 -16.37 9.92 -15.94
N VAL A 335 -16.63 10.24 -14.65
CA VAL A 335 -17.25 9.35 -13.65
C VAL A 335 -18.69 9.00 -14.07
N ILE A 336 -19.42 9.94 -14.69
CA ILE A 336 -20.79 9.69 -15.16
C ILE A 336 -20.81 8.68 -16.30
N GLU A 337 -19.94 8.84 -17.32
CA GLU A 337 -19.86 7.88 -18.43
C GLU A 337 -19.34 6.55 -17.90
N SER A 338 -18.32 6.59 -17.02
CA SER A 338 -17.73 5.42 -16.37
C SER A 338 -18.79 4.57 -15.61
N LEU A 339 -19.91 5.21 -15.17
CA LEU A 339 -21.03 4.54 -14.49
C LEU A 339 -21.95 3.83 -15.48
N LYS A 340 -22.36 4.51 -16.59
CA LYS A 340 -23.23 3.96 -17.65
C LYS A 340 -22.58 2.68 -18.16
N ASN A 341 -21.24 2.74 -18.30
CA ASN A 341 -20.31 1.69 -18.72
C ASN A 341 -20.03 0.69 -17.58
N MET A 342 -21.05 0.41 -16.75
CA MET A 342 -21.05 -0.56 -15.65
C MET A 342 -22.47 -1.14 -15.56
N GLU A 343 -23.30 -0.82 -16.60
CA GLU A 343 -24.70 -1.22 -16.76
C GLU A 343 -25.61 -0.55 -15.70
N LEU A 344 -25.37 0.75 -15.42
CA LEU A 344 -26.19 1.55 -14.51
C LEU A 344 -26.99 2.54 -15.36
N SER A 345 -28.32 2.46 -15.27
CA SER A 345 -29.23 3.29 -16.04
C SER A 345 -29.25 4.74 -15.58
N GLU A 346 -29.90 5.62 -16.38
CA GLU A 346 -30.11 7.03 -16.08
C GLU A 346 -30.75 7.16 -14.68
N SER A 347 -31.67 6.22 -14.34
CA SER A 347 -32.38 6.14 -13.05
C SER A 347 -31.45 5.64 -11.96
N ASP A 348 -30.66 4.56 -12.25
CA ASP A 348 -29.72 3.97 -11.30
C ASP A 348 -28.72 5.01 -10.81
N ILE A 349 -28.25 5.88 -11.75
CA ILE A 349 -27.33 6.97 -11.44
C ILE A 349 -28.06 8.02 -10.60
N GLU A 350 -29.24 8.48 -11.08
CA GLU A 350 -30.13 9.46 -10.42
C GLU A 350 -30.29 9.12 -8.92
N VAL A 351 -30.42 7.82 -8.59
CA VAL A 351 -30.56 7.28 -7.24
C VAL A 351 -29.23 7.37 -6.51
N ILE A 352 -28.12 6.88 -7.12
CA ILE A 352 -26.80 6.92 -6.49
C ILE A 352 -26.54 8.31 -5.95
N PHE A 353 -26.73 9.32 -6.79
CA PHE A 353 -26.53 10.71 -6.44
C PHE A 353 -27.60 11.26 -5.52
N SER A 354 -28.82 10.67 -5.53
CA SER A 354 -29.89 11.11 -4.63
C SER A 354 -29.49 10.74 -3.22
N ILE A 355 -28.91 9.53 -3.04
CA ILE A 355 -28.43 9.03 -1.75
C ILE A 355 -27.24 9.89 -1.31
N VAL A 356 -26.31 10.18 -2.25
CA VAL A 356 -25.13 11.00 -2.01
C VAL A 356 -25.60 12.38 -1.54
N ALA A 357 -26.60 12.96 -2.25
CA ALA A 357 -27.22 14.23 -1.89
C ALA A 357 -27.88 14.09 -0.52
N GLY A 358 -28.40 12.90 -0.21
CA GLY A 358 -29.03 12.59 1.07
C GLY A 358 -28.06 12.72 2.23
N ILE A 359 -26.93 11.97 2.14
CA ILE A 359 -25.82 11.95 3.12
C ILE A 359 -25.39 13.39 3.45
N LEU A 360 -25.14 14.20 2.42
CA LEU A 360 -24.77 15.62 2.55
C LEU A 360 -25.86 16.41 3.29
N THR A 361 -27.13 16.28 2.85
CA THR A 361 -28.29 16.99 3.42
C THR A 361 -28.53 16.61 4.91
N LEU A 362 -28.33 15.32 5.27
CA LEU A 362 -28.50 14.84 6.65
C LEU A 362 -27.41 15.39 7.55
N GLY A 363 -26.24 15.63 6.95
CA GLY A 363 -25.08 16.16 7.64
C GLY A 363 -25.09 17.66 7.83
N ASN A 364 -26.19 18.30 7.41
CA ASN A 364 -26.37 19.72 7.60
C ASN A 364 -27.44 19.95 8.67
N VAL A 365 -28.13 18.86 9.07
CA VAL A 365 -29.17 18.87 10.10
C VAL A 365 -28.52 19.12 11.45
N ARG A 366 -29.02 20.16 12.15
CA ARG A 366 -28.55 20.57 13.47
C ARG A 366 -29.38 19.86 14.50
N LEU A 367 -28.72 19.09 15.36
CA LEU A 367 -29.42 18.43 16.44
C LEU A 367 -29.21 19.31 17.66
N ILE A 368 -30.16 19.30 18.60
CA ILE A 368 -30.09 20.16 19.78
C ILE A 368 -30.49 19.45 21.08
N GLU A 369 -30.06 20.03 22.21
CA GLU A 369 -30.33 19.60 23.57
C GLU A 369 -31.75 19.96 23.95
N LYS A 370 -32.36 19.17 24.84
CA LYS A 370 -33.73 19.37 25.31
C LYS A 370 -33.88 18.85 26.73
N GLN A 371 -34.83 19.41 27.49
CA GLN A 371 -35.16 19.00 28.87
C GLN A 371 -36.25 17.88 28.86
N GLU A 372 -36.77 17.60 27.62
CA GLU A 372 -37.84 16.67 27.19
C GLU A 372 -37.87 15.29 27.87
N ALA A 373 -39.11 14.72 27.92
CA ALA A 373 -39.49 13.43 28.51
C ALA A 373 -38.93 13.21 29.94
N GLY A 374 -38.58 14.29 30.62
CA GLY A 374 -37.98 14.20 31.94
C GLY A 374 -36.72 13.37 31.84
N LEU A 375 -35.86 13.69 30.88
CA LEU A 375 -34.59 13.00 30.68
C LEU A 375 -33.48 14.04 30.80
N SER A 376 -33.67 15.23 30.13
CA SER A 376 -32.71 16.34 29.98
C SER A 376 -31.43 15.88 29.25
N ASP A 377 -30.70 16.82 28.62
CA ASP A 377 -29.55 16.53 27.73
C ASP A 377 -30.16 15.88 26.46
N ALA A 378 -31.47 15.49 26.55
CA ALA A 378 -32.34 14.84 25.56
C ALA A 378 -32.23 15.37 24.15
N ALA A 379 -32.27 14.45 23.20
CA ALA A 379 -32.15 14.76 21.80
C ALA A 379 -33.44 15.26 21.22
N ALA A 380 -33.31 16.29 20.39
CA ALA A 380 -34.40 16.94 19.68
C ALA A 380 -33.81 17.65 18.46
N ILE A 381 -34.35 17.35 17.27
CA ILE A 381 -33.95 17.98 16.01
C ILE A 381 -34.33 19.45 16.12
N MET A 382 -33.43 20.34 15.69
CA MET A 382 -33.67 21.78 15.71
C MET A 382 -34.88 22.07 14.82
N ASP A 383 -35.76 22.94 15.32
CA ASP A 383 -37.01 23.40 14.75
C ASP A 383 -36.89 23.75 13.27
N GLU A 384 -35.93 24.62 12.93
CA GLU A 384 -35.65 25.11 11.57
C GLU A 384 -35.01 24.06 10.66
N ASP A 385 -34.07 23.29 11.21
CA ASP A 385 -33.38 22.25 10.47
C ASP A 385 -34.26 21.00 10.25
N MET A 386 -35.56 21.04 10.64
CA MET A 386 -36.47 19.91 10.45
C MET A 386 -36.76 19.68 8.97
N GLY A 387 -36.95 20.78 8.24
CA GLY A 387 -37.22 20.73 6.80
C GLY A 387 -36.10 20.06 6.04
N VAL A 388 -34.88 20.33 6.51
CA VAL A 388 -33.62 19.78 5.99
C VAL A 388 -33.73 18.28 6.15
N PHE A 389 -33.88 17.82 7.41
CA PHE A 389 -33.99 16.42 7.82
C PHE A 389 -35.06 15.61 7.04
N ASN A 390 -36.20 16.23 6.72
CA ASN A 390 -37.26 15.56 5.97
C ASN A 390 -36.86 15.28 4.51
N LYS A 391 -36.22 16.27 3.86
CA LYS A 391 -35.72 16.08 2.50
C LYS A 391 -34.50 15.16 2.55
N ALA A 392 -33.65 15.32 3.59
CA ALA A 392 -32.44 14.51 3.80
C ALA A 392 -32.77 13.03 3.79
N CYS A 393 -33.90 12.66 4.39
CA CYS A 393 -34.38 11.28 4.42
C CYS A 393 -35.02 10.86 3.10
N GLU A 394 -35.84 11.76 2.52
CA GLU A 394 -36.50 11.57 1.23
C GLU A 394 -35.42 11.22 0.19
N LEU A 395 -34.33 12.01 0.16
CA LEU A 395 -33.20 11.87 -0.74
C LEU A 395 -32.55 10.50 -0.60
N MET A 396 -32.52 9.97 0.64
CA MET A 396 -31.98 8.64 0.93
C MET A 396 -33.00 7.54 0.72
N TYR A 397 -34.28 7.93 0.49
CA TYR A 397 -35.42 7.05 0.24
C TYR A 397 -35.79 6.20 1.46
N LEU A 398 -35.93 6.86 2.62
CA LEU A 398 -36.33 6.25 3.91
C LEU A 398 -37.36 7.18 4.62
N ASP A 399 -38.19 6.66 5.58
CA ASP A 399 -39.19 7.47 6.29
C ASP A 399 -38.49 8.44 7.25
N PRO A 400 -38.76 9.77 7.14
CA PRO A 400 -38.08 10.73 8.02
C PRO A 400 -38.40 10.51 9.49
N GLU A 401 -39.69 10.37 9.80
CA GLU A 401 -40.18 10.20 11.16
C GLU A 401 -39.76 8.85 11.79
N LEU A 402 -39.20 7.91 10.99
CA LEU A 402 -38.70 6.63 11.50
C LEU A 402 -37.23 6.72 11.85
N ILE A 403 -36.49 7.52 11.06
CA ILE A 403 -35.08 7.83 11.27
C ILE A 403 -35.05 8.71 12.55
N LYS A 404 -36.01 9.65 12.63
CA LYS A 404 -36.27 10.57 13.75
C LYS A 404 -36.54 9.76 15.01
N ARG A 405 -37.28 8.64 14.90
CA ARG A 405 -37.62 7.75 16.01
C ARG A 405 -36.40 6.92 16.44
N GLU A 406 -35.54 6.47 15.47
CA GLU A 406 -34.38 5.65 15.85
C GLU A 406 -33.24 6.51 16.45
N ILE A 407 -33.15 7.79 16.04
CA ILE A 407 -32.31 8.79 16.69
C ILE A 407 -33.36 9.39 17.69
N LEU A 408 -32.99 10.13 18.75
CA LEU A 408 -33.96 10.74 19.70
C LEU A 408 -34.65 9.75 20.68
N ILE A 409 -34.79 8.44 20.31
CA ILE A 409 -35.43 7.44 21.17
C ILE A 409 -34.56 6.19 21.38
N LYS A 410 -34.18 5.97 22.66
CA LYS A 410 -33.42 4.83 23.18
C LYS A 410 -34.45 3.71 23.36
N VAL A 411 -34.20 2.55 22.78
CA VAL A 411 -35.11 1.40 22.83
C VAL A 411 -34.41 0.22 23.53
N THR A 412 -34.92 -0.15 24.70
CA THR A 412 -34.33 -1.22 25.51
C THR A 412 -35.30 -2.41 25.68
N VAL A 413 -34.80 -3.60 26.06
CA VAL A 413 -35.61 -4.82 26.25
C VAL A 413 -35.25 -5.61 27.52
N ALA A 414 -36.26 -5.97 28.34
CA ALA A 414 -36.14 -6.82 29.53
C ALA A 414 -37.18 -7.93 29.38
N GLY A 415 -36.68 -9.15 29.23
CA GLY A 415 -37.51 -10.31 28.94
C GLY A 415 -37.90 -10.25 27.48
N GLY A 416 -39.19 -10.41 27.21
CA GLY A 416 -39.73 -10.30 25.86
C GLY A 416 -40.39 -8.95 25.69
N THR A 417 -40.31 -8.13 26.77
CA THR A 417 -40.89 -6.80 26.91
C THR A 417 -39.91 -5.68 26.63
N LYS A 418 -40.44 -4.58 26.06
CA LYS A 418 -39.70 -3.41 25.65
C LYS A 418 -39.90 -2.22 26.60
N ILE A 419 -38.83 -1.42 26.72
CA ILE A 419 -38.70 -0.21 27.53
C ILE A 419 -38.32 0.94 26.58
N GLU A 420 -38.99 2.10 26.70
CA GLU A 420 -38.72 3.25 25.87
C GLU A 420 -37.47 4.01 26.37
N GLY A 421 -37.55 5.34 26.48
CA GLY A 421 -36.43 6.18 26.90
C GLY A 421 -35.90 7.05 25.78
N ARG A 422 -35.16 8.13 26.14
CA ARG A 422 -34.63 9.09 25.18
C ARG A 422 -33.12 9.11 25.03
N TRP A 423 -32.65 9.37 23.80
CA TRP A 423 -31.25 9.55 23.43
C TRP A 423 -30.86 10.96 23.83
N ASN A 424 -29.57 11.21 24.12
CA ASN A 424 -29.09 12.55 24.47
C ASN A 424 -28.38 13.22 23.30
N LYS A 425 -28.29 14.57 23.27
CA LYS A 425 -27.71 15.38 22.19
C LYS A 425 -26.43 14.80 21.59
N ASN A 426 -25.47 14.42 22.45
CA ASN A 426 -24.16 13.88 22.07
C ASN A 426 -24.32 12.59 21.29
N ASP A 427 -25.02 11.62 21.89
CA ASP A 427 -25.32 10.29 21.36
C ASP A 427 -26.22 10.32 20.13
N ALA A 428 -27.16 11.26 20.05
CA ALA A 428 -28.06 11.40 18.90
C ALA A 428 -27.26 11.88 17.69
N GLU A 429 -26.34 12.87 17.90
CA GLU A 429 -25.44 13.44 16.87
C GLU A 429 -24.47 12.35 16.39
N VAL A 430 -23.96 11.54 17.35
CA VAL A 430 -23.07 10.39 17.15
C VAL A 430 -23.79 9.34 16.25
N LEU A 431 -25.12 9.17 16.42
CA LEU A 431 -25.96 8.24 15.66
C LEU A 431 -26.32 8.79 14.30
N LYS A 432 -26.67 10.09 14.23
CA LYS A 432 -27.01 10.82 13.00
C LYS A 432 -25.81 10.74 12.04
N SER A 433 -24.60 10.94 12.57
CA SER A 433 -23.36 10.84 11.80
C SER A 433 -23.22 9.40 11.30
N SER A 434 -23.33 8.41 12.23
CA SER A 434 -23.21 6.98 11.95
C SER A 434 -24.17 6.48 10.88
N LEU A 435 -25.27 7.22 10.64
CA LEU A 435 -26.23 6.90 9.59
C LEU A 435 -25.62 7.23 8.24
N CYS A 436 -24.99 8.42 8.15
CA CYS A 436 -24.32 8.90 6.93
C CYS A 436 -23.17 7.99 6.54
N LYS A 437 -22.29 7.66 7.54
CA LYS A 437 -21.14 6.77 7.40
C LYS A 437 -21.58 5.46 6.75
N ALA A 438 -22.63 4.85 7.31
CA ALA A 438 -23.21 3.59 6.85
C ALA A 438 -23.72 3.67 5.42
N MET A 439 -24.60 4.65 5.15
CA MET A 439 -25.16 4.89 3.83
C MET A 439 -24.07 4.97 2.76
N TYR A 440 -23.06 5.83 2.98
CA TYR A 440 -21.93 5.99 2.06
C TYR A 440 -21.15 4.69 1.87
N GLU A 441 -20.63 4.11 2.96
CA GLU A 441 -19.86 2.86 2.92
C GLU A 441 -20.59 1.80 2.13
N LYS A 442 -21.85 1.56 2.50
CA LYS A 442 -22.69 0.55 1.89
C LYS A 442 -23.16 0.90 0.47
N LEU A 443 -23.19 2.19 0.06
CA LEU A 443 -23.56 2.52 -1.33
C LEU A 443 -22.42 2.15 -2.26
N PHE A 444 -21.17 2.48 -1.86
CA PHE A 444 -19.92 2.19 -2.57
C PHE A 444 -19.79 0.68 -2.73
N LEU A 445 -20.07 -0.04 -1.63
CA LEU A 445 -20.04 -1.49 -1.55
C LEU A 445 -21.04 -2.15 -2.50
N TRP A 446 -22.21 -1.50 -2.67
CA TRP A 446 -23.30 -1.93 -3.54
C TRP A 446 -22.92 -1.72 -5.01
N ILE A 447 -22.22 -0.62 -5.30
CA ILE A 447 -21.77 -0.30 -6.66
C ILE A 447 -20.74 -1.37 -7.08
N ILE A 448 -19.84 -1.77 -6.15
CA ILE A 448 -18.85 -2.85 -6.29
C ILE A 448 -19.56 -4.19 -6.54
N ARG A 449 -20.69 -4.42 -5.84
CA ARG A 449 -21.52 -5.63 -5.94
C ARG A 449 -22.22 -5.66 -7.29
N HIS A 450 -22.73 -4.49 -7.75
CA HIS A 450 -23.40 -4.35 -9.04
C HIS A 450 -22.44 -4.60 -10.21
N LEU A 451 -21.18 -4.18 -10.05
CA LEU A 451 -20.13 -4.39 -11.05
C LEU A 451 -19.82 -5.88 -11.14
N ASN A 452 -19.55 -6.52 -9.99
CA ASN A 452 -19.24 -7.94 -9.87
C ASN A 452 -20.34 -8.85 -10.40
N SER A 453 -21.61 -8.47 -10.24
CA SER A 453 -22.74 -9.24 -10.73
C SER A 453 -22.78 -9.40 -12.27
N ARG A 454 -22.04 -8.54 -13.02
CA ARG A 454 -21.97 -8.58 -14.50
C ARG A 454 -20.60 -9.11 -14.96
N ILE A 455 -19.55 -8.91 -14.16
CA ILE A 455 -18.19 -9.26 -14.54
C ILE A 455 -17.69 -10.61 -14.03
N GLU A 456 -18.27 -11.13 -12.94
CA GLU A 456 -17.79 -12.37 -12.34
C GLU A 456 -18.03 -13.63 -13.20
N PRO A 457 -17.13 -14.68 -13.08
CA PRO A 457 -17.29 -15.89 -13.91
C PRO A 457 -18.57 -16.68 -13.63
N GLU A 458 -19.18 -17.24 -14.70
CA GLU A 458 -20.41 -18.05 -14.67
C GLU A 458 -20.31 -19.10 -13.54
N GLY A 459 -19.17 -19.78 -13.48
CA GLY A 459 -18.85 -20.76 -12.44
C GLY A 459 -18.18 -20.04 -11.28
N GLY A 460 -16.87 -20.22 -11.17
CA GLY A 460 -16.05 -19.61 -10.13
C GLY A 460 -14.66 -19.26 -10.63
N PHE A 461 -13.72 -18.99 -9.70
CA PHE A 461 -12.34 -18.66 -10.07
C PHE A 461 -11.38 -19.80 -9.86
N LYS A 462 -10.77 -20.26 -10.96
CA LYS A 462 -9.82 -21.36 -11.01
C LYS A 462 -8.41 -20.79 -11.02
N THR A 463 -7.94 -20.37 -12.19
CA THR A 463 -6.65 -19.73 -12.37
C THR A 463 -6.99 -18.29 -12.72
N PHE A 464 -6.52 -17.34 -11.88
CA PHE A 464 -6.80 -15.91 -12.03
C PHE A 464 -5.55 -15.05 -11.85
N MET A 465 -5.63 -13.76 -12.24
CA MET A 465 -4.56 -12.80 -12.08
C MET A 465 -4.87 -11.88 -10.88
N GLY A 466 -4.07 -12.00 -9.82
CA GLY A 466 -4.21 -11.19 -8.62
C GLY A 466 -3.54 -9.84 -8.74
N MET A 467 -4.17 -8.79 -8.18
CA MET A 467 -3.64 -7.42 -8.18
C MET A 467 -4.02 -6.73 -6.89
N LEU A 468 -3.05 -6.11 -6.18
CA LEU A 468 -3.31 -5.50 -4.87
C LEU A 468 -2.90 -4.02 -4.72
N ASP A 469 -3.92 -3.15 -4.65
CA ASP A 469 -3.79 -1.69 -4.49
C ASP A 469 -4.11 -1.28 -3.03
N ILE A 470 -3.22 -1.67 -2.10
CA ILE A 470 -3.28 -1.38 -0.66
C ILE A 470 -3.11 0.15 -0.41
N PHE A 471 -3.31 0.59 0.82
CA PHE A 471 -3.05 1.97 1.24
C PHE A 471 -1.68 1.91 1.95
N GLY A 472 -0.68 2.58 1.36
CA GLY A 472 0.71 2.58 1.84
C GLY A 472 0.91 3.24 3.20
N PHE A 473 2.12 3.09 3.78
CA PHE A 473 2.43 3.67 5.08
C PHE A 473 2.15 5.18 5.13
N GLU A 474 1.41 5.63 6.16
CA GLU A 474 1.04 7.03 6.33
C GLU A 474 1.61 7.59 7.63
N VAL A 475 2.24 8.76 7.57
CA VAL A 475 2.77 9.46 8.76
C VAL A 475 2.36 10.93 8.74
N PHE A 476 1.79 11.43 9.86
CA PHE A 476 1.36 12.82 9.98
C PHE A 476 1.70 13.29 11.39
N LYS A 477 0.87 14.19 11.95
CA LYS A 477 0.96 14.67 13.33
C LYS A 477 -0.04 13.81 14.14
N ASN A 478 -1.32 13.85 13.72
CA ASN A 478 -2.44 13.06 14.23
C ASN A 478 -2.32 11.67 13.58
N ASN A 479 -2.31 10.61 14.39
CA ASN A 479 -2.27 9.25 13.83
C ASN A 479 -3.33 8.42 14.57
N SER A 480 -4.53 8.31 13.96
CA SER A 480 -5.65 7.61 14.58
C SER A 480 -5.66 6.11 14.31
N LEU A 481 -6.78 5.46 14.65
CA LEU A 481 -7.04 4.04 14.49
C LEU A 481 -6.99 3.68 13.03
N GLU A 482 -7.58 4.52 12.12
CA GLU A 482 -7.58 4.33 10.66
C GLU A 482 -6.14 4.29 10.13
N GLN A 483 -5.31 5.25 10.58
CA GLN A 483 -3.88 5.37 10.30
C GLN A 483 -3.12 4.15 10.88
N LEU A 484 -3.61 3.60 12.00
CA LEU A 484 -3.02 2.41 12.61
C LEU A 484 -3.39 1.19 11.80
N PHE A 485 -4.62 1.11 11.30
CA PHE A 485 -5.07 -0.02 10.50
C PHE A 485 -4.27 -0.04 9.23
N ILE A 486 -4.17 1.13 8.54
CA ILE A 486 -3.40 1.33 7.29
C ILE A 486 -1.97 0.78 7.42
N ASN A 487 -1.28 1.12 8.53
CA ASN A 487 0.08 0.65 8.77
C ASN A 487 0.16 -0.83 9.18
N ILE A 488 -0.93 -1.41 9.72
CA ILE A 488 -1.00 -2.84 10.06
C ILE A 488 -1.10 -3.64 8.75
N THR A 489 -2.00 -3.19 7.84
CA THR A 489 -2.24 -3.79 6.52
C THR A 489 -0.93 -3.94 5.79
N ASN A 490 -0.14 -2.85 5.77
CA ASN A 490 1.15 -2.78 5.11
C ASN A 490 2.13 -3.75 5.70
N GLU A 491 2.22 -3.82 7.04
CA GLU A 491 3.14 -4.73 7.73
C GLU A 491 2.90 -6.20 7.38
N MET A 492 1.63 -6.56 7.09
CA MET A 492 1.25 -7.90 6.65
C MET A 492 1.80 -8.15 5.24
N LEU A 493 1.61 -7.17 4.32
CA LEU A 493 2.11 -7.22 2.95
C LEU A 493 3.65 -7.21 2.91
N GLN A 494 4.28 -6.92 4.06
CA GLN A 494 5.73 -6.95 4.19
C GLN A 494 6.19 -8.31 4.74
N LYS A 495 5.48 -8.90 5.74
CA LYS A 495 5.85 -10.25 6.21
C LYS A 495 5.51 -11.29 5.14
N ASN A 496 4.39 -11.10 4.39
CA ASN A 496 3.98 -11.96 3.26
C ASN A 496 5.21 -12.15 2.34
N PHE A 497 5.86 -11.01 2.00
CA PHE A 497 7.04 -10.86 1.16
C PHE A 497 8.29 -11.52 1.76
N VAL A 498 8.65 -11.23 3.02
CA VAL A 498 9.86 -11.78 3.63
C VAL A 498 9.78 -13.30 3.82
N ASP A 499 8.58 -13.86 4.00
CA ASP A 499 8.38 -15.29 4.18
C ASP A 499 8.61 -16.06 2.86
N ILE A 500 8.37 -15.37 1.75
CA ILE A 500 8.49 -15.87 0.38
C ILE A 500 9.90 -15.60 -0.19
N VAL A 501 10.46 -14.41 0.07
CA VAL A 501 11.72 -13.96 -0.49
C VAL A 501 12.92 -14.25 0.40
N PHE A 502 12.84 -14.03 1.72
CA PHE A 502 14.01 -14.25 2.57
C PHE A 502 13.93 -15.48 3.50
N GLU A 503 12.76 -16.17 3.57
CA GLU A 503 12.58 -17.33 4.43
C GLU A 503 12.68 -18.65 3.68
N ARG A 504 11.96 -18.81 2.53
CA ARG A 504 12.03 -20.00 1.68
C ARG A 504 13.50 -20.25 1.28
N GLU A 505 14.28 -19.16 1.14
CA GLU A 505 15.70 -19.12 0.83
C GLU A 505 16.47 -19.67 2.02
N SER A 506 16.47 -18.95 3.16
CA SER A 506 17.14 -19.32 4.42
C SER A 506 16.87 -20.78 4.84
N LYS A 507 15.65 -21.29 4.56
CA LYS A 507 15.23 -22.68 4.83
C LYS A 507 15.98 -23.64 3.89
N LEU A 508 15.93 -23.37 2.55
CA LEU A 508 16.59 -24.17 1.50
C LEU A 508 18.11 -24.27 1.68
N TYR A 509 18.75 -23.23 2.24
CA TYR A 509 20.18 -23.24 2.55
C TYR A 509 20.42 -24.21 3.68
N LYS A 510 19.64 -24.09 4.79
CA LYS A 510 19.73 -24.95 5.98
C LYS A 510 19.38 -26.42 5.69
N ASP A 511 18.50 -26.65 4.70
CA ASP A 511 18.06 -27.96 4.23
C ASP A 511 19.16 -28.68 3.42
N GLU A 512 20.05 -27.91 2.75
CA GLU A 512 21.18 -28.40 1.97
C GLU A 512 22.48 -27.80 2.56
N GLY A 513 23.10 -26.83 1.88
CA GLY A 513 24.33 -26.21 2.35
C GLY A 513 24.23 -24.75 2.69
N ILE A 514 23.95 -24.43 4.00
CA ILE A 514 23.83 -23.06 4.53
C ILE A 514 25.23 -22.42 4.60
N SER A 515 25.49 -21.54 3.63
CA SER A 515 26.75 -20.82 3.48
C SER A 515 26.89 -19.68 4.51
N THR A 516 25.90 -18.74 4.53
CA THR A 516 25.94 -17.60 5.46
C THR A 516 24.80 -17.58 6.46
N ALA A 517 25.12 -17.02 7.64
CA ALA A 517 24.22 -16.67 8.73
C ALA A 517 24.01 -15.15 8.54
N GLU A 518 24.65 -14.63 7.44
CA GLU A 518 24.68 -13.25 6.93
C GLU A 518 23.66 -13.13 5.78
N LEU A 519 22.39 -13.00 6.17
CA LEU A 519 21.25 -12.89 5.26
C LEU A 519 20.24 -11.78 5.73
N LYS A 520 18.89 -11.98 5.53
CA LYS A 520 17.73 -11.10 5.79
C LYS A 520 17.86 -10.19 7.00
N TYR A 521 17.26 -9.01 6.87
CA TYR A 521 17.30 -7.95 7.88
C TYR A 521 15.91 -7.47 8.37
N THR A 522 14.87 -8.22 8.00
CA THR A 522 13.50 -7.86 8.29
C THR A 522 12.88 -8.67 9.45
N SER A 523 12.92 -8.04 10.63
CA SER A 523 12.34 -8.50 11.88
C SER A 523 10.89 -7.95 11.90
N ASN A 524 10.11 -8.33 10.86
CA ASN A 524 8.72 -7.94 10.69
C ASN A 524 7.86 -8.75 11.66
N LYS A 525 8.32 -9.98 12.05
CA LYS A 525 7.64 -10.88 13.00
C LYS A 525 7.46 -10.23 14.39
N GLU A 526 8.47 -9.48 14.84
CA GLU A 526 8.48 -8.75 16.11
C GLU A 526 7.41 -7.67 16.13
N VAL A 527 7.19 -7.01 14.98
CA VAL A 527 6.20 -5.95 14.89
C VAL A 527 4.82 -6.49 14.44
N ILE A 528 4.74 -7.59 13.66
CA ILE A 528 3.46 -8.14 13.21
C ILE A 528 2.71 -8.81 14.37
N ASN A 529 3.46 -9.30 15.37
CA ASN A 529 2.87 -9.95 16.54
C ASN A 529 2.41 -8.90 17.54
N VAL A 530 3.25 -7.89 17.82
CA VAL A 530 2.94 -6.79 18.73
C VAL A 530 1.66 -6.04 18.27
N LEU A 531 1.27 -6.26 17.00
CA LEU A 531 0.11 -5.61 16.39
C LEU A 531 -1.06 -6.53 16.12
N CYS A 532 -0.83 -7.84 15.89
CA CYS A 532 -1.93 -8.73 15.52
C CYS A 532 -2.08 -9.98 16.39
N GLU A 533 -0.96 -10.55 16.94
CA GLU A 533 -0.93 -11.78 17.76
C GLU A 533 -2.07 -11.83 18.78
N LYS A 534 -3.04 -12.72 18.53
CA LYS A 534 -4.26 -12.87 19.33
C LYS A 534 -3.98 -13.11 20.79
N GLY A 535 -4.54 -12.22 21.60
CA GLY A 535 -4.35 -12.21 23.04
C GLY A 535 -3.43 -11.07 23.40
N LYS A 536 -2.14 -11.20 23.02
CA LYS A 536 -1.12 -10.19 23.29
C LYS A 536 -0.73 -9.40 22.03
N SER A 537 -1.39 -8.23 21.83
CA SER A 537 -1.18 -7.25 20.74
C SER A 537 -2.03 -5.98 20.94
N VAL A 538 -1.65 -4.88 20.24
CA VAL A 538 -2.37 -3.61 20.27
C VAL A 538 -3.82 -3.82 19.84
N LEU A 539 -4.07 -4.56 18.74
CA LEU A 539 -5.42 -4.86 18.26
C LEU A 539 -6.19 -5.74 19.25
N SER A 540 -5.54 -6.79 19.79
CA SER A 540 -6.19 -7.70 20.73
C SER A 540 -6.54 -7.06 22.09
N TYR A 541 -5.80 -6.00 22.52
CA TYR A 541 -6.12 -5.26 23.75
C TYR A 541 -7.11 -4.11 23.49
N LEU A 542 -7.44 -3.87 22.21
CA LEU A 542 -8.43 -2.91 21.73
C LEU A 542 -9.72 -3.70 21.54
N GLU A 543 -9.58 -4.96 21.07
CA GLU A 543 -10.67 -5.90 20.84
C GLU A 543 -11.33 -6.21 22.17
N ASP A 544 -10.54 -6.70 23.16
CA ASP A 544 -10.98 -7.04 24.51
C ASP A 544 -11.64 -5.80 25.17
N GLN A 545 -10.93 -4.65 25.16
CA GLN A 545 -11.36 -3.37 25.71
C GLN A 545 -12.69 -2.85 25.19
N CYS A 546 -13.02 -3.16 23.92
CA CYS A 546 -14.26 -2.75 23.25
C CYS A 546 -15.47 -3.45 23.83
N LEU A 547 -15.35 -4.78 24.02
CA LEU A 547 -16.41 -5.61 24.59
C LEU A 547 -16.50 -5.51 26.12
N ALA A 548 -15.53 -4.83 26.77
CA ALA A 548 -15.49 -4.58 28.21
C ALA A 548 -16.60 -3.57 28.59
N PRO A 549 -17.13 -3.59 29.85
CA PRO A 549 -18.20 -2.63 30.20
C PRO A 549 -17.66 -1.19 30.25
N GLY A 550 -16.75 -0.96 31.20
CA GLY A 550 -16.07 0.31 31.38
C GLY A 550 -14.72 0.23 30.69
N GLY A 551 -14.69 0.66 29.43
CA GLY A 551 -13.50 0.65 28.60
C GLY A 551 -13.14 2.02 28.09
N THR A 552 -12.05 2.60 28.63
CA THR A 552 -11.56 3.93 28.24
C THR A 552 -10.41 3.79 27.26
N ASP A 553 -10.16 4.84 26.48
CA ASP A 553 -9.04 4.85 25.53
C ASP A 553 -7.71 4.70 26.29
N GLU A 554 -7.62 5.33 27.49
CA GLU A 554 -6.47 5.29 28.39
C GLU A 554 -6.32 3.92 29.03
N LYS A 555 -7.45 3.20 29.19
CA LYS A 555 -7.52 1.85 29.75
C LYS A 555 -6.91 0.84 28.80
N PHE A 556 -7.08 1.07 27.49
CA PHE A 556 -6.52 0.24 26.42
C PHE A 556 -5.01 0.51 26.30
N VAL A 557 -4.62 1.80 26.37
CA VAL A 557 -3.23 2.26 26.30
C VAL A 557 -2.41 1.65 27.44
N SER A 558 -2.93 1.76 28.69
CA SER A 558 -2.32 1.21 29.89
C SER A 558 -2.07 -0.31 29.81
N SER A 559 -3.01 -1.08 29.21
CA SER A 559 -2.87 -2.53 29.06
C SER A 559 -1.75 -2.90 28.07
N CYS A 560 -1.53 -2.08 27.03
CA CYS A 560 -0.45 -2.29 26.08
C CYS A 560 0.87 -1.85 26.72
N ALA A 561 0.86 -0.70 27.44
CA ALA A 561 2.00 -0.09 28.14
C ALA A 561 2.57 -0.94 29.30
N THR A 562 1.89 -2.04 29.63
CA THR A 562 2.27 -2.97 30.69
C THR A 562 2.56 -4.37 30.12
N ASN A 563 1.62 -4.89 29.31
CA ASN A 563 1.71 -6.23 28.72
C ASN A 563 2.78 -6.34 27.63
N LEU A 564 2.77 -5.37 26.68
CA LEU A 564 3.66 -5.28 25.50
C LEU A 564 4.98 -4.52 25.79
N LYS A 565 5.16 -4.09 27.07
CA LYS A 565 6.32 -3.35 27.60
C LYS A 565 7.65 -4.05 27.28
N GLU A 566 7.75 -5.35 27.65
CA GLU A 566 8.92 -6.25 27.48
C GLU A 566 9.43 -6.37 26.02
N ASN A 567 8.71 -5.75 25.06
CA ASN A 567 9.05 -5.73 23.65
C ASN A 567 9.60 -4.36 23.23
N ASN A 568 10.58 -4.38 22.30
CA ASN A 568 11.22 -3.18 21.75
C ASN A 568 10.29 -2.45 20.75
N LYS A 569 9.49 -3.22 19.96
CA LYS A 569 8.58 -2.71 18.92
C LYS A 569 7.47 -1.79 19.49
N PHE A 570 7.06 -2.01 20.77
CA PHE A 570 6.11 -1.12 21.44
C PHE A 570 6.90 -0.24 22.39
N THR A 571 6.76 1.07 22.22
CA THR A 571 7.41 2.06 23.06
C THR A 571 6.32 3.01 23.55
N PRO A 572 6.14 3.20 24.87
CA PRO A 572 5.10 4.14 25.31
C PRO A 572 5.57 5.58 25.11
N ALA A 573 4.61 6.53 24.98
CA ALA A 573 4.94 7.95 24.79
C ALA A 573 5.69 8.50 25.98
N LYS A 574 6.59 9.46 25.74
CA LYS A 574 7.38 10.08 26.81
C LYS A 574 6.55 11.17 27.53
N VAL A 575 5.85 12.01 26.73
CA VAL A 575 4.94 13.08 27.16
C VAL A 575 3.52 12.74 26.68
N ALA A 576 2.54 12.87 27.59
CA ALA A 576 1.11 12.53 27.44
C ALA A 576 0.98 11.01 27.19
N SER A 577 1.77 10.22 27.96
CA SER A 577 1.85 8.75 27.97
C SER A 577 0.49 8.07 28.13
N ASN A 578 -0.48 8.81 28.71
CA ASN A 578 -1.86 8.41 28.91
C ASN A 578 -2.56 8.11 27.57
N LYS A 579 -2.30 8.95 26.53
CA LYS A 579 -2.91 8.87 25.21
C LYS A 579 -2.01 8.25 24.11
N ASN A 580 -0.83 8.83 23.87
CA ASN A 580 0.12 8.42 22.82
C ASN A 580 0.96 7.16 23.15
N PHE A 581 1.52 6.55 22.09
CA PHE A 581 2.38 5.35 22.10
C PHE A 581 3.05 5.18 20.73
N ILE A 582 4.34 4.87 20.73
CA ILE A 582 5.12 4.69 19.52
C ILE A 582 5.16 3.21 19.14
N ILE A 583 5.02 2.91 17.84
CA ILE A 583 5.16 1.55 17.35
C ILE A 583 6.25 1.57 16.32
N GLN A 584 7.42 1.02 16.68
CA GLN A 584 8.62 1.00 15.83
C GLN A 584 8.43 0.13 14.59
N HIS A 585 7.83 0.72 13.54
CA HIS A 585 7.55 0.06 12.26
C HIS A 585 8.80 -0.24 11.40
N THR A 586 8.57 -0.77 10.16
CA THR A 586 9.66 -1.05 9.20
C THR A 586 10.17 0.29 8.72
N ILE A 587 9.24 1.25 8.46
CA ILE A 587 9.56 2.60 8.01
C ILE A 587 10.05 3.48 9.18
N GLY A 588 10.01 2.94 10.40
CA GLY A 588 10.48 3.62 11.60
C GLY A 588 9.43 3.97 12.65
N PRO A 589 9.85 4.71 13.71
CA PRO A 589 8.90 5.08 14.78
C PRO A 589 7.67 5.90 14.34
N ILE A 590 6.46 5.31 14.50
CA ILE A 590 5.16 5.95 14.22
C ILE A 590 4.35 6.03 15.54
N GLN A 591 3.92 7.24 15.93
CA GLN A 591 3.19 7.50 17.18
C GLN A 591 1.69 7.75 16.96
N TYR A 592 0.84 7.15 17.80
CA TYR A 592 -0.61 7.21 17.71
C TYR A 592 -1.22 7.82 18.98
N CYS A 593 -1.97 8.93 18.87
CA CYS A 593 -2.59 9.67 20.01
C CYS A 593 -3.90 9.00 20.57
N ALA A 594 -4.09 7.66 20.38
CA ALA A 594 -5.29 6.92 20.82
C ALA A 594 -6.52 7.81 20.66
N GLU A 595 -7.24 8.13 21.75
CA GLU A 595 -8.38 9.04 21.79
C GLU A 595 -9.42 8.75 20.71
N SER A 596 -10.60 8.27 21.16
CA SER A 596 -11.78 7.88 20.35
C SER A 596 -11.65 6.48 19.76
N PHE A 597 -10.44 5.87 19.89
CA PHE A 597 -10.04 4.54 19.43
C PHE A 597 -11.14 3.49 19.64
N LEU A 598 -11.76 3.52 20.83
CA LEU A 598 -12.83 2.61 21.22
C LEU A 598 -14.07 2.84 20.39
N LEU A 599 -14.60 4.09 20.38
CA LEU A 599 -15.81 4.44 19.62
C LEU A 599 -15.59 4.32 18.11
N LYS A 600 -14.33 4.50 17.65
CA LYS A 600 -13.96 4.39 16.24
C LYS A 600 -14.02 2.91 15.85
N ASN A 601 -13.51 2.01 16.70
CA ASN A 601 -13.56 0.55 16.47
C ASN A 601 -15.01 0.08 16.61
N LYS A 602 -15.82 0.85 17.35
CA LYS A 602 -17.23 0.54 17.55
C LYS A 602 -18.11 1.27 16.51
N ASP A 603 -17.49 2.09 15.63
CA ASP A 603 -18.18 2.86 14.59
C ASP A 603 -18.77 1.97 13.47
N VAL A 604 -19.96 1.44 13.72
CA VAL A 604 -20.71 0.58 12.81
C VAL A 604 -22.19 0.64 13.14
N LEU A 605 -23.02 0.98 12.15
CA LEU A 605 -24.47 1.08 12.33
C LEU A 605 -25.08 -0.29 12.57
N ARG A 606 -25.96 -0.39 13.57
CA ARG A 606 -26.67 -1.63 13.90
C ARG A 606 -28.05 -1.33 14.48
N GLY A 607 -28.76 -2.41 14.82
CA GLY A 607 -30.06 -2.35 15.47
C GLY A 607 -31.28 -2.21 14.59
N ASP A 608 -32.39 -1.78 15.22
CA ASP A 608 -33.69 -1.57 14.63
C ASP A 608 -33.61 -0.52 13.50
N LEU A 609 -32.51 0.28 13.49
CA LEU A 609 -32.23 1.33 12.50
C LEU A 609 -31.95 0.73 11.13
N VAL A 610 -31.19 -0.38 11.09
CA VAL A 610 -30.87 -1.05 9.84
C VAL A 610 -32.17 -1.48 9.16
N GLU A 611 -33.07 -2.09 9.95
CA GLU A 611 -34.39 -2.59 9.53
C GLU A 611 -35.29 -1.54 8.89
N VAL A 612 -35.09 -0.24 9.20
CA VAL A 612 -35.83 0.88 8.63
C VAL A 612 -35.41 1.04 7.16
N ILE A 613 -34.10 1.01 6.92
CA ILE A 613 -33.51 1.10 5.59
C ILE A 613 -33.84 -0.17 4.78
N LYS A 614 -33.96 -1.33 5.47
CA LYS A 614 -34.27 -2.66 4.89
C LYS A 614 -35.62 -2.71 4.16
N ASP A 615 -36.65 -2.05 4.68
CA ASP A 615 -37.98 -2.05 4.06
C ASP A 615 -38.31 -0.68 3.44
N SER A 616 -37.28 -0.06 2.83
CA SER A 616 -37.36 1.21 2.12
C SER A 616 -38.19 1.05 0.84
N PRO A 617 -38.88 2.09 0.33
CA PRO A 617 -39.65 1.91 -0.92
C PRO A 617 -38.75 1.61 -2.14
N ASN A 618 -37.61 2.31 -2.24
CA ASN A 618 -36.63 2.15 -3.31
C ASN A 618 -35.89 0.82 -3.15
N PRO A 619 -35.73 0.05 -4.25
CA PRO A 619 -35.07 -1.25 -4.14
C PRO A 619 -33.57 -1.21 -3.90
N ILE A 620 -32.87 -0.22 -4.49
CA ILE A 620 -31.42 -0.05 -4.33
C ILE A 620 -31.11 0.19 -2.84
N VAL A 621 -31.98 0.96 -2.15
CA VAL A 621 -31.88 1.28 -0.72
C VAL A 621 -32.14 0.00 0.10
N GLN A 622 -33.08 -0.86 -0.36
CA GLN A 622 -33.37 -2.14 0.30
C GLN A 622 -32.08 -2.97 0.26
N GLN A 623 -31.56 -3.15 -0.98
CA GLN A 623 -30.34 -3.87 -1.33
C GLN A 623 -29.09 -3.25 -0.74
N LEU A 624 -29.19 -1.99 -0.27
CA LEU A 624 -28.07 -1.25 0.31
C LEU A 624 -27.42 -1.98 1.48
N PHE A 625 -28.23 -2.66 2.30
CA PHE A 625 -27.72 -3.48 3.42
C PHE A 625 -27.80 -4.97 3.08
N GLU A 626 -28.97 -5.39 2.53
CA GLU A 626 -29.28 -6.74 2.06
C GLU A 626 -28.95 -7.79 3.13
N GLY A 627 -27.73 -8.32 3.07
CA GLY A 627 -27.24 -9.30 4.02
C GLY A 627 -26.69 -8.65 5.27
N GLN A 628 -27.57 -8.38 6.26
CA GLN A 628 -27.18 -7.77 7.52
C GLN A 628 -27.85 -8.41 8.72
N VAL A 629 -27.01 -8.86 9.67
CA VAL A 629 -27.41 -9.49 10.94
C VAL A 629 -27.64 -8.35 11.93
N ILE A 630 -28.90 -8.14 12.30
CA ILE A 630 -29.31 -7.04 13.19
C ILE A 630 -28.83 -7.21 14.63
N GLU A 631 -29.35 -8.24 15.36
CA GLU A 631 -29.12 -8.56 16.78
C GLU A 631 -29.86 -7.55 17.72
N LYS A 632 -29.92 -6.24 17.33
CA LYS A 632 -30.52 -5.08 18.03
C LYS A 632 -30.17 -5.05 19.54
N GLY A 633 -28.88 -4.82 19.83
CA GLY A 633 -28.38 -4.76 21.19
C GLY A 633 -26.88 -4.92 21.33
N LYS A 634 -26.47 -5.66 22.39
CA LYS A 634 -25.10 -5.95 22.80
C LYS A 634 -24.25 -6.36 21.61
N ILE A 635 -23.12 -5.67 21.42
CA ILE A 635 -22.16 -5.90 20.33
C ILE A 635 -21.41 -7.23 20.47
N ALA A 636 -21.01 -7.81 19.33
CA ALA A 636 -20.29 -9.09 19.25
C ALA A 636 -18.84 -8.87 18.85
N LYS A 637 -17.98 -9.91 19.03
CA LYS A 637 -16.57 -9.83 18.63
C LYS A 637 -16.45 -9.66 17.12
N GLY A 638 -17.39 -10.27 16.38
CA GLY A 638 -17.45 -10.22 14.93
C GLY A 638 -17.82 -8.86 14.38
N SER A 639 -18.76 -8.17 15.05
CA SER A 639 -19.24 -6.85 14.64
C SER A 639 -18.20 -5.71 14.78
N LEU A 640 -17.08 -5.94 15.53
CA LEU A 640 -16.01 -4.95 15.76
C LEU A 640 -15.24 -4.65 14.49
N ILE A 641 -15.07 -3.34 14.16
CA ILE A 641 -14.39 -2.83 12.97
C ILE A 641 -13.01 -3.48 12.79
N GLY A 642 -12.14 -3.32 13.78
CA GLY A 642 -10.79 -3.89 13.77
C GLY A 642 -10.77 -5.40 13.69
N SER A 643 -11.56 -6.06 14.54
CA SER A 643 -11.65 -7.52 14.63
C SER A 643 -12.14 -8.20 13.34
N GLN A 644 -12.98 -7.50 12.56
CA GLN A 644 -13.48 -7.95 11.26
C GLN A 644 -12.33 -7.78 10.24
N PHE A 645 -11.59 -6.67 10.35
CA PHE A 645 -10.46 -6.30 9.46
C PHE A 645 -9.33 -7.30 9.55
N LEU A 646 -8.98 -7.77 10.76
CA LEU A 646 -7.94 -8.78 10.96
C LEU A 646 -8.35 -10.04 10.20
N ASN A 647 -9.59 -10.51 10.43
CA ASN A 647 -10.18 -11.67 9.77
C ASN A 647 -10.16 -11.49 8.26
N GLN A 648 -10.53 -10.29 7.77
CA GLN A 648 -10.55 -9.93 6.35
C GLN A 648 -9.14 -10.01 5.74
N LEU A 649 -8.16 -9.34 6.37
CA LEU A 649 -6.77 -9.28 5.91
C LEU A 649 -6.15 -10.64 5.95
N THR A 650 -6.21 -11.34 7.10
CA THR A 650 -5.61 -12.67 7.24
C THR A 650 -6.13 -13.62 6.16
N SER A 651 -7.47 -13.70 5.95
CA SER A 651 -8.13 -14.56 4.94
C SER A 651 -7.68 -14.27 3.50
N LEU A 652 -7.79 -12.98 3.07
CA LEU A 652 -7.41 -12.54 1.74
C LEU A 652 -5.91 -12.68 1.50
N MET A 653 -5.07 -12.33 2.50
CA MET A 653 -3.62 -12.46 2.41
C MET A 653 -3.21 -13.92 2.21
N ASN A 654 -3.92 -14.87 2.89
CA ASN A 654 -3.66 -16.31 2.80
C ASN A 654 -3.94 -16.87 1.38
N LEU A 655 -4.88 -16.24 0.63
CA LEU A 655 -5.17 -16.60 -0.75
C LEU A 655 -3.98 -16.17 -1.61
N ILE A 656 -3.41 -14.99 -1.29
CA ILE A 656 -2.26 -14.44 -2.00
C ILE A 656 -1.04 -15.35 -1.80
N ASN A 657 -0.75 -15.77 -0.54
CA ASN A 657 0.36 -16.67 -0.21
C ASN A 657 0.35 -17.97 -1.05
N SER A 658 -0.86 -18.35 -1.55
CA SER A 658 -1.11 -19.52 -2.40
C SER A 658 -0.68 -19.23 -3.84
N THR A 659 -1.18 -18.12 -4.41
CA THR A 659 -0.89 -17.68 -5.77
C THR A 659 0.58 -17.27 -5.96
N GLU A 660 1.03 -17.11 -7.22
CA GLU A 660 2.43 -16.78 -7.47
C GLU A 660 2.77 -15.31 -7.22
N PRO A 661 3.74 -15.05 -6.31
CA PRO A 661 4.07 -13.65 -5.98
C PRO A 661 4.94 -12.92 -7.01
N HIS A 662 4.43 -11.77 -7.48
CA HIS A 662 5.09 -10.87 -8.42
C HIS A 662 5.11 -9.50 -7.75
N PHE A 663 6.28 -9.09 -7.25
CA PHE A 663 6.46 -7.85 -6.49
C PHE A 663 6.81 -6.60 -7.32
N ILE A 664 6.08 -5.50 -7.06
CA ILE A 664 6.28 -4.17 -7.64
C ILE A 664 6.52 -3.25 -6.45
N ARG A 665 7.68 -2.57 -6.44
CA ARG A 665 8.07 -1.71 -5.33
C ARG A 665 8.20 -0.23 -5.76
N CYS A 666 7.18 0.60 -5.41
CA CYS A 666 7.08 2.02 -5.71
C CYS A 666 7.82 2.87 -4.67
N ILE A 667 8.57 3.89 -5.14
CA ILE A 667 9.29 4.78 -4.25
C ILE A 667 8.88 6.24 -4.51
N LYS A 668 8.55 6.98 -3.43
CA LYS A 668 8.22 8.39 -3.47
C LYS A 668 9.58 9.10 -3.23
N PRO A 669 10.14 9.80 -4.25
CA PRO A 669 11.49 10.41 -4.08
C PRO A 669 11.61 11.63 -3.16
N ASN A 670 10.50 12.36 -2.98
CA ASN A 670 10.40 13.60 -2.19
C ASN A 670 8.93 13.84 -1.85
N GLU A 671 8.66 14.41 -0.66
CA GLU A 671 7.29 14.72 -0.23
C GLU A 671 6.65 15.86 -1.03
N ASN A 672 7.51 16.82 -1.47
CA ASN A 672 7.25 18.07 -2.19
C ASN A 672 6.32 17.98 -3.41
N LYS A 673 5.98 16.76 -3.88
CA LYS A 673 5.11 16.52 -5.04
C LYS A 673 5.66 17.24 -6.31
N LYS A 674 7.00 17.26 -6.46
CA LYS A 674 7.73 17.89 -7.56
C LYS A 674 8.53 16.86 -8.39
N PRO A 675 8.41 16.88 -9.75
CA PRO A 675 9.20 15.96 -10.57
C PRO A 675 10.69 16.27 -10.52
N LEU A 676 11.48 15.21 -10.67
CA LEU A 676 12.95 15.18 -10.73
C LEU A 676 13.61 16.01 -9.61
N GLU A 677 13.31 15.60 -8.36
CA GLU A 677 13.81 16.12 -7.09
C GLU A 677 14.24 14.90 -6.26
N TRP A 678 15.53 14.84 -5.90
CA TRP A 678 16.11 13.71 -5.18
C TRP A 678 16.41 13.96 -3.70
N CYS A 679 15.63 13.28 -2.81
CA CYS A 679 15.78 13.31 -1.34
C CYS A 679 16.20 11.91 -0.82
N GLU A 680 17.53 11.68 -0.78
CA GLU A 680 18.21 10.46 -0.35
C GLU A 680 17.66 9.87 0.95
N PRO A 681 17.47 10.61 2.08
CA PRO A 681 16.97 9.97 3.31
C PRO A 681 15.60 9.34 3.22
N LYS A 682 14.62 10.06 2.61
CA LYS A 682 13.24 9.62 2.41
C LYS A 682 13.20 8.38 1.51
N ILE A 683 14.15 8.31 0.56
CA ILE A 683 14.30 7.20 -0.36
C ILE A 683 14.94 6.02 0.39
N LEU A 684 16.11 6.23 1.05
CA LEU A 684 16.83 5.20 1.79
C LEU A 684 15.97 4.34 2.72
N ILE A 685 15.01 4.99 3.43
CA ILE A 685 14.05 4.35 4.32
C ILE A 685 13.23 3.30 3.55
N GLN A 686 12.77 3.67 2.33
CA GLN A 686 12.00 2.80 1.43
C GLN A 686 12.83 1.67 0.87
N LEU A 687 14.14 1.92 0.58
CA LEU A 687 15.06 0.89 0.06
C LEU A 687 15.18 -0.21 1.11
N HIS A 688 15.11 0.20 2.38
CA HIS A 688 15.15 -0.71 3.50
C HIS A 688 13.80 -1.42 3.68
N ALA A 689 12.68 -0.66 3.64
CA ALA A 689 11.33 -1.21 3.84
C ALA A 689 10.83 -2.10 2.70
N LEU A 690 11.10 -1.74 1.43
CA LEU A 690 10.71 -2.53 0.24
C LEU A 690 11.70 -3.68 0.08
N SER A 691 12.69 -3.70 1.00
CA SER A 691 13.79 -4.65 1.19
C SER A 691 14.67 -4.83 -0.04
N ILE A 692 14.64 -3.81 -0.91
CA ILE A 692 15.36 -3.76 -2.17
C ILE A 692 16.89 -3.86 -1.94
N LEU A 693 17.50 -3.08 -1.00
CA LEU A 693 18.97 -3.09 -0.80
C LEU A 693 19.51 -4.36 -0.11
N GLU A 694 18.65 -5.35 0.12
CA GLU A 694 19.07 -6.61 0.70
C GLU A 694 18.73 -7.70 -0.29
N ALA A 695 17.58 -7.58 -0.96
CA ALA A 695 17.13 -8.51 -1.99
C ALA A 695 18.09 -8.55 -3.21
N LEU A 696 19.18 -7.78 -3.12
CA LEU A 696 20.28 -7.76 -4.06
C LEU A 696 21.57 -8.06 -3.32
N VAL A 697 21.67 -7.66 -2.03
CA VAL A 697 22.86 -8.00 -1.26
C VAL A 697 22.96 -9.55 -1.14
N LEU A 698 21.86 -10.20 -0.70
CA LEU A 698 21.82 -11.64 -0.48
C LEU A 698 21.49 -12.46 -1.72
N ARG A 699 21.18 -11.82 -2.85
CA ARG A 699 20.91 -12.53 -4.09
C ARG A 699 22.23 -12.67 -4.83
N GLN A 700 23.05 -11.62 -4.73
CA GLN A 700 24.35 -11.56 -5.38
C GLN A 700 25.41 -12.28 -4.54
N LEU A 701 25.36 -12.11 -3.19
CA LEU A 701 26.25 -12.81 -2.24
C LEU A 701 25.85 -14.29 -2.13
N GLY A 702 24.54 -14.53 -2.16
CA GLY A 702 23.97 -15.87 -2.08
C GLY A 702 23.94 -16.60 -3.41
N TYR A 703 23.67 -17.90 -3.34
CA TYR A 703 23.62 -18.79 -4.50
C TYR A 703 22.27 -18.68 -5.19
N SER A 704 22.30 -18.41 -6.49
CA SER A 704 21.11 -18.15 -7.28
C SER A 704 20.68 -19.26 -8.27
N TYR A 705 21.55 -20.28 -8.54
CA TYR A 705 21.19 -21.31 -9.53
C TYR A 705 20.15 -22.33 -9.04
N ARG A 706 20.58 -23.33 -8.22
CA ARG A 706 19.75 -24.39 -7.63
C ARG A 706 19.13 -25.35 -8.66
N ARG A 707 19.75 -26.53 -8.87
CA ARG A 707 19.25 -27.61 -9.75
C ARG A 707 19.66 -28.95 -9.16
N THR A 708 18.78 -29.95 -9.25
CA THR A 708 19.13 -31.27 -8.72
C THR A 708 20.19 -31.93 -9.61
N PHE A 709 20.87 -32.96 -9.05
CA PHE A 709 21.90 -33.71 -9.75
C PHE A 709 21.40 -34.21 -11.10
N GLU A 710 20.18 -34.78 -11.13
CA GLU A 710 19.47 -35.30 -12.31
C GLU A 710 19.25 -34.23 -13.38
N GLU A 711 18.95 -33.00 -12.92
CA GLU A 711 18.73 -31.83 -13.76
C GLU A 711 20.05 -31.40 -14.40
N PHE A 712 21.09 -31.24 -13.56
CA PHE A 712 22.44 -30.83 -13.95
C PHE A 712 23.05 -31.83 -14.92
N LEU A 713 23.10 -33.12 -14.54
CA LEU A 713 23.63 -34.21 -15.35
C LEU A 713 22.87 -34.40 -16.67
N TYR A 714 21.66 -33.81 -16.81
CA TYR A 714 20.90 -33.91 -18.05
C TYR A 714 21.49 -33.02 -19.15
N GLN A 715 21.95 -31.81 -18.80
CA GLN A 715 22.57 -30.84 -19.73
C GLN A 715 23.90 -31.36 -20.32
N TYR A 716 24.57 -32.27 -19.59
CA TYR A 716 25.83 -32.93 -19.96
C TYR A 716 25.52 -34.39 -20.31
N LYS A 717 24.76 -34.51 -21.41
CA LYS A 717 24.17 -35.68 -22.06
C LYS A 717 25.00 -36.97 -22.05
N PHE A 718 26.31 -36.85 -22.25
CA PHE A 718 27.26 -37.96 -22.35
C PHE A 718 27.33 -38.91 -21.15
N VAL A 719 27.15 -38.41 -19.92
CA VAL A 719 27.26 -39.20 -18.68
C VAL A 719 26.30 -40.41 -18.67
N ASP A 720 25.01 -40.18 -18.34
CA ASP A 720 24.01 -41.24 -18.27
C ASP A 720 22.99 -41.11 -19.40
N SER A 727 24.50 -45.06 -10.05
CA SER A 727 23.79 -43.78 -9.94
C SER A 727 22.70 -43.81 -8.85
N SER A 728 23.09 -43.45 -7.61
CA SER A 728 22.22 -43.37 -6.42
C SER A 728 22.86 -42.43 -5.37
N VAL A 729 24.19 -42.57 -5.19
CA VAL A 729 25.06 -41.79 -4.31
C VAL A 729 26.30 -41.33 -5.12
N GLU A 730 26.53 -42.03 -6.25
CA GLU A 730 27.62 -41.80 -7.20
C GLU A 730 27.38 -40.57 -8.06
N ASN A 731 26.12 -40.35 -8.51
CA ASN A 731 25.75 -39.20 -9.36
C ASN A 731 25.92 -37.86 -8.62
N GLN A 732 26.10 -37.90 -7.28
CA GLN A 732 26.37 -36.75 -6.41
C GLN A 732 27.77 -36.23 -6.69
N ASN A 733 28.74 -37.16 -6.88
CA ASN A 733 30.14 -36.87 -7.19
C ASN A 733 30.34 -36.64 -8.71
N LYS A 734 29.38 -37.08 -9.55
CA LYS A 734 29.43 -36.93 -11.01
C LYS A 734 29.32 -35.46 -11.43
N CYS A 735 28.53 -34.67 -10.69
CA CYS A 735 28.30 -33.26 -10.95
C CYS A 735 29.51 -32.41 -10.64
N VAL A 736 30.17 -32.70 -9.50
CA VAL A 736 31.36 -31.99 -9.00
C VAL A 736 32.48 -31.99 -10.05
N ASN A 737 32.53 -33.06 -10.86
CA ASN A 737 33.51 -33.19 -11.92
C ASN A 737 33.27 -32.13 -12.97
N ILE A 738 32.10 -32.17 -13.67
CA ILE A 738 31.72 -31.21 -14.74
C ILE A 738 32.13 -29.77 -14.38
N LEU A 739 31.94 -29.39 -13.10
CA LEU A 739 32.27 -28.08 -12.56
C LEU A 739 33.77 -27.80 -12.53
N LYS A 740 34.57 -28.71 -11.93
CA LYS A 740 36.03 -28.57 -11.86
C LYS A 740 36.69 -28.52 -13.24
N LEU A 741 36.05 -29.15 -14.25
CA LEU A 741 36.52 -29.21 -15.64
C LEU A 741 36.20 -27.92 -16.40
N SER A 742 34.99 -27.37 -16.19
CA SER A 742 34.50 -26.13 -16.81
C SER A 742 35.30 -24.90 -16.42
N GLY A 743 35.80 -24.88 -15.18
CA GLY A 743 36.67 -23.80 -14.69
C GLY A 743 36.25 -23.04 -13.44
N LEU A 744 35.08 -23.36 -12.86
CA LEU A 744 34.56 -22.66 -11.68
C LEU A 744 35.29 -23.01 -10.39
N SER A 745 35.58 -21.97 -9.59
CA SER A 745 36.26 -22.09 -8.30
C SER A 745 35.36 -22.81 -7.28
N GLU A 746 35.94 -23.47 -6.24
CA GLU A 746 35.18 -24.20 -5.19
C GLU A 746 34.30 -23.27 -4.30
N SER A 747 34.37 -21.96 -4.58
CA SER A 747 33.60 -20.89 -3.95
C SER A 747 32.34 -20.57 -4.79
N MET A 748 32.45 -20.65 -6.14
CA MET A 748 31.41 -20.41 -7.14
C MET A 748 30.23 -21.38 -7.02
N TYR A 749 30.54 -22.67 -6.80
CA TYR A 749 29.57 -23.75 -6.67
C TYR A 749 29.58 -24.37 -5.27
N LYS A 750 28.45 -24.94 -4.88
CA LYS A 750 28.31 -25.66 -3.62
C LYS A 750 27.42 -26.88 -3.88
N ILE A 751 27.84 -28.04 -3.33
CA ILE A 751 27.14 -29.32 -3.51
C ILE A 751 26.25 -29.63 -2.32
N GLY A 752 24.95 -29.54 -2.57
CA GLY A 752 23.93 -29.77 -1.56
C GLY A 752 23.45 -31.19 -1.50
N LYS A 753 22.77 -31.51 -0.39
CA LYS A 753 22.20 -32.82 -0.05
C LYS A 753 21.41 -33.46 -1.20
N SER A 754 20.82 -32.64 -2.09
CA SER A 754 20.05 -33.08 -3.24
C SER A 754 20.30 -32.24 -4.49
N MET A 755 20.80 -31.00 -4.33
CA MET A 755 21.00 -30.08 -5.44
C MET A 755 22.44 -29.56 -5.62
N VAL A 756 22.62 -28.71 -6.65
CA VAL A 756 23.85 -28.03 -7.05
C VAL A 756 23.61 -26.51 -6.99
N PHE A 757 24.17 -25.84 -5.98
CA PHE A 757 24.02 -24.39 -5.84
C PHE A 757 25.12 -23.69 -6.58
N LEU A 758 24.76 -22.65 -7.32
CA LEU A 758 25.70 -21.84 -8.06
C LEU A 758 25.43 -20.37 -7.87
N LYS A 759 26.48 -19.61 -7.50
CA LYS A 759 26.49 -18.17 -7.23
C LYS A 759 25.94 -17.36 -8.42
N GLN A 760 25.53 -16.09 -8.17
CA GLN A 760 25.03 -15.13 -9.17
C GLN A 760 25.94 -15.11 -10.43
N GLU A 761 27.27 -14.96 -10.19
CA GLU A 761 28.39 -14.89 -11.14
C GLU A 761 28.79 -16.25 -11.77
N GLY A 762 28.81 -17.31 -10.95
CA GLY A 762 29.16 -18.66 -11.33
C GLY A 762 28.22 -19.33 -12.30
N ALA A 763 26.92 -19.38 -11.94
CA ALA A 763 25.84 -19.96 -12.74
C ALA A 763 25.81 -19.43 -14.17
N LYS A 764 26.28 -18.19 -14.34
CA LYS A 764 26.34 -17.54 -15.64
C LYS A 764 27.45 -18.11 -16.54
N ILE A 765 28.54 -18.66 -15.94
CA ILE A 765 29.66 -19.27 -16.67
C ILE A 765 29.19 -20.48 -17.47
N LEU A 766 28.60 -21.48 -16.78
CA LEU A 766 28.09 -22.74 -17.34
C LEU A 766 27.08 -22.55 -18.48
N THR A 767 26.56 -21.32 -18.64
CA THR A 767 25.66 -20.95 -19.72
C THR A 767 26.50 -20.59 -20.96
N LYS A 768 27.72 -21.20 -21.05
CA LYS A 768 28.76 -21.03 -22.08
C LYS A 768 29.24 -19.58 -22.17
#